data_9FLF
#
_entry.id   9FLF
#
_cell.length_a   152.110
_cell.length_b   152.110
_cell.length_c   172.510
_cell.angle_alpha   90.00
_cell.angle_beta   90.00
_cell.angle_gamma   120.00
#
_symmetry.space_group_name_H-M   'H 3'
#
loop_
_entity.id
_entity.type
_entity.pdbx_description
1 polymer 'Carbonic anhydrase'
2 non-polymer 'ZINC ION'
3 non-polymer 3-[[(1~{R},4~{Z})-cyclododec-4-en-1-yl]amino]-4-ethylsulfonyl-2,5,6-tris(fluoranyl)benzenesulfonamide
4 water water
#
_entity_poly.entity_id   1
_entity_poly.type   'polypeptide(L)'
_entity_poly.pdbx_seq_one_letter_code
;GDQSHWRYGGDPPWPRVSPACAGRFQSPVDIRPQLAAFSPALRPLELLGFQLPPLPELRLRNNGHSVQLTLPPGLEMALG
PGREYRALQLHLHWGAAGRPGSEHTVEGHRFPAEIHVVHLSTAFARVDEALGRPGGLAVLAAFLEEGPEENSAYEQLLSR
LEEIAEEGSETQVPGLDISALLPSDFSRYFQYEGSLTTPPCAQGVIWTVFQQTVMLSAKQLHTLSDTLWGPGDSRLQLNF
RATQPLNGRVIEASFP
;
_entity_poly.pdbx_strand_id   A,B,C,D
#
loop_
_chem_comp.id
_chem_comp.type
_chem_comp.name
_chem_comp.formula
A1IDV non-polymer 3-[[(1~{R},4~{Z})-cyclododec-4-en-1-yl]amino]-4-ethylsulfonyl-2,5,6-tris(fluoranyl)benzenesulfonamide 'C20 H29 F3 N2 O4 S2'
ZN non-polymer 'ZINC ION' 'Zn 2'
#
# COMPACT_ATOMS: atom_id res chain seq x y z
N VAL A 17 26.20 6.42 12.87
CA VAL A 17 27.05 5.77 11.84
C VAL A 17 26.16 5.18 10.74
N SER A 18 25.05 4.54 11.12
CA SER A 18 23.88 4.48 10.25
C SER A 18 23.32 5.90 10.22
N PRO A 19 23.48 6.66 9.11
CA PRO A 19 23.20 8.09 9.14
C PRO A 19 21.69 8.28 9.31
N ALA A 20 20.91 7.22 9.03
CA ALA A 20 19.46 7.29 9.20
C ALA A 20 19.13 7.55 10.68
N CYS A 21 20.04 7.17 11.58
CA CYS A 21 19.82 7.36 13.01
C CYS A 21 19.87 8.85 13.35
N ALA A 22 20.35 9.69 12.42
CA ALA A 22 20.29 11.14 12.57
C ALA A 22 19.18 11.75 11.70
N GLY A 23 18.20 10.96 11.27
CA GLY A 23 17.03 11.54 10.60
C GLY A 23 16.21 12.46 11.51
N ARG A 24 15.21 13.16 10.94
CA ARG A 24 14.42 14.15 11.67
C ARG A 24 13.25 13.54 12.44
N PHE A 25 12.76 12.35 12.05
CA PHE A 25 11.56 11.78 12.64
C PHE A 25 11.85 10.41 13.23
N GLN A 26 12.62 10.40 14.33
CA GLN A 26 13.06 9.21 15.02
C GLN A 26 12.17 8.90 16.23
N SER A 27 12.34 7.67 16.71
CA SER A 27 11.73 7.14 17.91
C SER A 27 12.83 6.67 18.87
N PRO A 28 12.59 6.54 20.19
CA PRO A 28 11.34 6.96 20.83
C PRO A 28 11.22 8.45 21.12
N VAL A 29 10.09 8.81 21.73
CA VAL A 29 9.77 10.21 22.03
C VAL A 29 9.18 10.30 23.44
N ASP A 30 9.17 11.51 24.01
CA ASP A 30 8.43 11.77 25.23
C ASP A 30 6.97 12.08 24.89
N ILE A 31 6.04 11.34 25.49
CA ILE A 31 4.61 11.52 25.31
C ILE A 31 4.09 12.49 26.39
N ARG A 32 3.41 13.55 25.93
CA ARG A 32 2.82 14.59 26.73
C ARG A 32 1.33 14.62 26.44
N PRO A 33 0.52 13.88 27.21
CA PRO A 33 -0.89 13.68 26.86
C PRO A 33 -1.62 15.01 26.65
N GLN A 34 -1.24 16.06 27.39
CA GLN A 34 -1.96 17.33 27.26
C GLN A 34 -1.75 17.93 25.87
N LEU A 35 -0.65 17.56 25.19
CA LEU A 35 -0.36 18.10 23.87
C LEU A 35 -0.76 17.14 22.78
N ALA A 36 -1.26 15.95 23.16
CA ALA A 36 -1.71 15.00 22.15
C ALA A 36 -2.95 15.56 21.44
N ALA A 37 -3.10 15.27 20.14
CA ALA A 37 -4.31 15.60 19.40
C ALA A 37 -5.32 14.43 19.46
N PHE A 38 -6.48 14.65 20.06
CA PHE A 38 -7.56 13.70 20.03
C PHE A 38 -8.18 13.62 18.64
N SER A 39 -8.25 12.44 18.04
CA SER A 39 -9.04 12.27 16.83
C SER A 39 -9.97 11.11 17.08
N PRO A 40 -11.29 11.39 17.06
CA PRO A 40 -12.27 10.32 17.12
C PRO A 40 -12.21 9.35 15.93
N ALA A 41 -11.40 9.63 14.92
CA ALA A 41 -11.27 8.65 13.84
C ALA A 41 -10.40 7.46 14.23
N LEU A 42 -9.60 7.56 15.31
CA LEU A 42 -8.79 6.43 15.76
C LEU A 42 -9.67 5.43 16.52
N ARG A 43 -10.03 4.32 15.87
N ARG A 43 -9.95 4.29 15.86
CA ARG A 43 -10.94 3.36 16.45
CA ARG A 43 -10.88 3.28 16.34
C ARG A 43 -10.17 2.33 17.26
C ARG A 43 -10.14 2.29 17.24
N PRO A 44 -10.86 1.43 18.01
CA PRO A 44 -10.18 0.39 18.80
C PRO A 44 -9.31 -0.50 17.92
N LEU A 45 -8.12 -0.88 18.40
CA LEU A 45 -7.24 -1.76 17.65
C LEU A 45 -7.91 -3.12 17.48
N GLU A 46 -7.73 -3.76 16.32
CA GLU A 46 -8.27 -5.09 16.08
C GLU A 46 -7.10 -6.07 15.94
N LEU A 47 -7.06 -7.07 16.84
CA LEU A 47 -6.04 -8.10 16.90
C LEU A 47 -6.68 -9.48 16.86
N LEU A 48 -6.57 -10.15 15.71
CA LEU A 48 -7.21 -11.43 15.44
C LEU A 48 -6.11 -12.46 15.20
N GLY A 49 -6.36 -13.66 15.72
CA GLY A 49 -5.49 -14.79 15.51
C GLY A 49 -4.31 -14.75 16.47
N PHE A 50 -4.38 -13.97 17.53
CA PHE A 50 -3.25 -13.89 18.45
C PHE A 50 -3.27 -15.04 19.48
N GLN A 51 -4.37 -15.81 19.58
CA GLN A 51 -4.46 -16.85 20.61
C GLN A 51 -3.84 -18.14 20.06
N LEU A 52 -2.52 -18.30 20.25
CA LEU A 52 -1.77 -19.36 19.59
C LEU A 52 -1.94 -20.68 20.36
N PRO A 53 -1.96 -21.86 19.69
CA PRO A 53 -2.08 -23.13 20.40
C PRO A 53 -0.69 -23.51 20.91
N PRO A 54 -0.59 -24.43 21.89
CA PRO A 54 0.71 -24.88 22.40
C PRO A 54 1.73 -25.32 21.35
N LEU A 55 1.24 -25.84 20.21
CA LEU A 55 2.09 -26.31 19.13
C LEU A 55 1.58 -25.72 17.82
N PRO A 56 2.46 -25.29 16.88
CA PRO A 56 3.92 -25.42 17.03
C PRO A 56 4.52 -24.50 18.08
N GLU A 57 5.76 -24.84 18.49
CA GLU A 57 6.53 -24.03 19.42
C GLU A 57 7.14 -22.85 18.67
N LEU A 58 7.59 -21.86 19.43
CA LEU A 58 8.10 -20.60 18.89
C LEU A 58 9.55 -20.44 19.30
N ARG A 59 10.34 -19.82 18.44
CA ARG A 59 11.72 -19.51 18.74
C ARG A 59 11.82 -18.26 19.61
N LEU A 60 12.40 -18.41 20.81
CA LEU A 60 12.76 -17.32 21.72
C LEU A 60 14.28 -17.22 21.76
N ARG A 61 14.83 -16.01 21.55
CA ARG A 61 16.25 -15.89 21.31
C ARG A 61 16.81 -14.65 21.99
N ASN A 62 18.04 -14.79 22.48
CA ASN A 62 18.83 -13.69 23.01
C ASN A 62 19.78 -13.25 21.92
N ASN A 63 19.50 -12.09 21.30
CA ASN A 63 20.22 -11.65 20.12
C ASN A 63 21.32 -10.66 20.51
N GLY A 64 21.49 -10.43 21.82
CA GLY A 64 22.56 -9.57 22.30
C GLY A 64 22.06 -8.15 22.65
N HIS A 65 20.97 -7.68 22.04
CA HIS A 65 20.39 -6.40 22.45
C HIS A 65 18.96 -6.50 22.98
N SER A 66 18.33 -7.67 22.86
CA SER A 66 17.05 -7.93 23.50
C SER A 66 16.78 -9.44 23.49
N VAL A 67 15.66 -9.85 24.10
CA VAL A 67 15.06 -11.17 23.90
C VAL A 67 13.93 -11.05 22.88
N GLN A 68 13.97 -11.87 21.83
CA GLN A 68 12.97 -11.83 20.76
C GLN A 68 12.22 -13.15 20.65
N LEU A 69 10.91 -13.02 20.44
CA LEU A 69 10.04 -14.13 20.10
C LEU A 69 9.56 -13.95 18.67
N THR A 70 9.97 -14.86 17.79
CA THR A 70 9.44 -14.93 16.43
C THR A 70 8.01 -15.42 16.48
N LEU A 71 7.16 -14.80 15.67
CA LEU A 71 5.75 -15.13 15.69
C LEU A 71 5.39 -15.78 14.38
N PRO A 72 4.44 -16.72 14.34
CA PRO A 72 4.06 -17.37 13.09
C PRO A 72 3.13 -16.51 12.24
N PRO A 73 2.82 -16.97 11.00
CA PRO A 73 1.75 -16.35 10.22
C PRO A 73 0.41 -16.48 10.94
N GLY A 74 -0.49 -15.54 10.61
CA GLY A 74 -1.88 -15.60 11.04
C GLY A 74 -2.25 -14.55 12.09
N LEU A 75 -1.27 -13.79 12.60
CA LEU A 75 -1.61 -12.79 13.59
C LEU A 75 -1.96 -11.50 12.84
N GLU A 76 -3.26 -11.25 12.65
CA GLU A 76 -3.72 -10.11 11.90
C GLU A 76 -4.06 -8.96 12.85
N MET A 77 -3.72 -7.74 12.40
CA MET A 77 -3.91 -6.54 13.20
C MET A 77 -4.33 -5.38 12.28
N ALA A 78 -5.28 -4.56 12.72
CA ALA A 78 -5.66 -3.39 11.97
C ALA A 78 -5.60 -2.13 12.84
N LEU A 79 -5.02 -1.06 12.26
CA LEU A 79 -5.03 0.29 12.84
C LEU A 79 -6.23 1.08 12.31
N GLY A 80 -6.86 0.60 11.25
CA GLY A 80 -8.08 1.25 10.79
C GLY A 80 -8.60 0.53 9.57
N PRO A 81 -9.73 1.00 8.97
CA PRO A 81 -10.32 0.35 7.81
C PRO A 81 -9.33 0.20 6.67
N GLY A 82 -9.08 -1.04 6.26
CA GLY A 82 -8.09 -1.33 5.23
C GLY A 82 -6.65 -0.95 5.59
N ARG A 83 -6.32 -0.71 6.86
CA ARG A 83 -4.93 -0.53 7.24
C ARG A 83 -4.55 -1.73 8.09
N GLU A 84 -4.19 -2.84 7.40
CA GLU A 84 -3.96 -4.11 8.07
C GLU A 84 -2.48 -4.51 8.07
N TYR A 85 -2.14 -5.37 9.05
CA TYR A 85 -0.78 -5.74 9.39
C TYR A 85 -0.74 -7.22 9.81
N ARG A 86 0.47 -7.79 9.77
CA ARG A 86 0.72 -9.14 10.24
C ARG A 86 1.84 -9.01 11.23
N ALA A 87 1.72 -9.65 12.40
CA ALA A 87 2.78 -9.60 13.40
C ALA A 87 3.96 -10.48 12.98
N LEU A 88 5.20 -9.96 13.08
CA LEU A 88 6.41 -10.68 12.78
C LEU A 88 7.06 -11.25 14.04
N GLN A 89 7.13 -10.43 15.11
CA GLN A 89 8.08 -10.63 16.19
C GLN A 89 7.66 -9.76 17.38
N LEU A 90 8.10 -10.10 18.58
CA LEU A 90 8.03 -9.20 19.73
C LEU A 90 9.34 -9.26 20.49
N HIS A 91 9.68 -8.17 21.15
CA HIS A 91 10.90 -8.06 21.93
C HIS A 91 10.62 -7.07 23.06
N LEU A 92 11.58 -6.89 23.95
CA LEU A 92 11.35 -6.11 25.16
C LEU A 92 12.55 -5.19 25.42
N HIS A 93 12.30 -4.14 26.20
CA HIS A 93 13.30 -3.15 26.54
C HIS A 93 13.18 -3.01 28.04
N TRP A 94 14.30 -2.98 28.75
CA TRP A 94 14.29 -3.04 30.21
C TRP A 94 15.54 -2.39 30.79
N GLY A 95 15.51 -2.19 32.12
CA GLY A 95 16.49 -1.35 32.79
C GLY A 95 17.54 -2.18 33.52
N ALA A 96 17.66 -1.94 34.83
CA ALA A 96 18.57 -2.67 35.70
C ALA A 96 18.05 -2.63 37.13
N ALA A 97 18.83 -3.21 38.06
CA ALA A 97 18.55 -3.14 39.49
C ALA A 97 18.01 -1.74 39.84
N GLY A 98 16.68 -1.66 40.05
CA GLY A 98 16.00 -0.45 40.48
C GLY A 98 16.30 0.74 39.54
N ARG A 99 16.30 0.46 38.23
CA ARG A 99 16.39 1.50 37.22
C ARG A 99 15.41 1.15 36.10
N PRO A 100 14.56 2.11 35.67
CA PRO A 100 13.60 1.84 34.59
C PRO A 100 14.26 1.82 33.20
N GLY A 101 13.72 1.04 32.27
CA GLY A 101 14.29 0.97 30.92
C GLY A 101 13.26 0.96 29.78
N SER A 102 12.09 1.56 29.98
CA SER A 102 11.19 1.76 28.85
C SER A 102 11.85 2.68 27.83
N GLU A 103 11.40 2.61 26.57
CA GLU A 103 11.91 3.48 25.52
C GLU A 103 11.10 4.76 25.44
N HIS A 104 9.76 4.66 25.23
CA HIS A 104 8.91 5.85 25.38
C HIS A 104 8.92 6.25 26.85
N THR A 105 8.79 7.57 27.08
CA THR A 105 8.49 8.13 28.39
C THR A 105 7.14 8.87 28.34
N VAL A 106 6.54 9.12 29.52
CA VAL A 106 5.30 9.87 29.63
C VAL A 106 5.58 11.03 30.59
N GLU A 107 5.55 12.26 30.06
CA GLU A 107 5.87 13.47 30.81
C GLU A 107 7.17 13.28 31.57
N GLY A 108 8.21 12.70 30.94
CA GLY A 108 9.51 12.54 31.55
C GLY A 108 9.63 11.24 32.37
N HIS A 109 8.52 10.59 32.74
CA HIS A 109 8.57 9.35 33.50
C HIS A 109 8.97 8.17 32.61
N ARG A 110 10.00 7.45 33.03
CA ARG A 110 10.43 6.21 32.39
C ARG A 110 9.87 5.02 33.16
N PHE A 111 9.20 4.09 32.46
CA PHE A 111 8.59 2.94 33.10
C PHE A 111 9.64 1.85 33.24
N PRO A 112 9.42 0.85 34.12
CA PRO A 112 10.36 -0.26 34.26
C PRO A 112 10.75 -0.93 32.94
N ALA A 113 9.76 -1.22 32.09
CA ALA A 113 10.08 -1.89 30.83
C ALA A 113 9.01 -1.63 29.77
N GLU A 114 9.26 -2.11 28.53
CA GLU A 114 8.31 -1.91 27.44
C GLU A 114 8.37 -3.10 26.51
N ILE A 115 7.20 -3.50 26.00
CA ILE A 115 7.13 -4.58 25.04
C ILE A 115 6.78 -3.98 23.68
N HIS A 116 7.43 -4.49 22.64
CA HIS A 116 7.19 -4.12 21.27
C HIS A 116 6.81 -5.34 20.44
N VAL A 117 5.66 -5.23 19.79
CA VAL A 117 5.24 -6.19 18.79
C VAL A 117 5.28 -5.54 17.39
N VAL A 118 6.21 -6.00 16.56
CA VAL A 118 6.48 -5.39 15.27
C VAL A 118 5.67 -6.10 14.20
N HIS A 119 5.06 -5.32 13.32
CA HIS A 119 4.21 -5.88 12.28
C HIS A 119 4.59 -5.33 10.91
N LEU A 120 4.22 -6.09 9.86
CA LEU A 120 4.38 -5.77 8.46
C LEU A 120 3.02 -5.47 7.84
N SER A 121 2.91 -4.36 7.12
CA SER A 121 1.75 -4.03 6.33
C SER A 121 1.46 -5.15 5.34
N THR A 122 0.18 -5.51 5.17
CA THR A 122 -0.18 -6.54 4.21
C THR A 122 -0.07 -5.98 2.81
N ALA A 123 0.21 -4.67 2.66
CA ALA A 123 0.41 -4.12 1.34
C ALA A 123 1.84 -4.35 0.86
N PHE A 124 2.71 -4.90 1.72
CA PHE A 124 4.10 -5.16 1.34
C PHE A 124 4.41 -6.63 1.61
N ALA A 125 5.03 -7.32 0.64
CA ALA A 125 5.25 -8.76 0.73
C ALA A 125 6.50 -9.03 1.55
N ARG A 126 7.40 -8.05 1.59
CA ARG A 126 8.68 -8.19 2.26
C ARG A 126 8.95 -6.99 3.15
N VAL A 127 9.63 -7.28 4.26
CA VAL A 127 10.10 -6.31 5.22
C VAL A 127 11.00 -5.30 4.54
N ASP A 128 11.82 -5.75 3.59
CA ASP A 128 12.84 -4.90 3.00
C ASP A 128 12.21 -3.87 2.05
N GLU A 129 11.03 -4.15 1.51
CA GLU A 129 10.26 -3.16 0.78
C GLU A 129 9.56 -2.16 1.73
N ALA A 130 9.19 -2.61 2.92
CA ALA A 130 8.46 -1.82 3.89
C ALA A 130 9.38 -0.82 4.59
N LEU A 131 10.67 -1.16 4.78
CA LEU A 131 11.64 -0.30 5.44
C LEU A 131 11.75 1.04 4.73
N GLY A 132 11.47 2.10 5.47
CA GLY A 132 11.58 3.47 4.98
C GLY A 132 10.28 3.92 4.32
N ARG A 133 9.29 3.05 4.15
CA ARG A 133 8.07 3.48 3.47
C ARG A 133 7.02 3.82 4.53
N PRO A 134 6.24 4.91 4.37
CA PRO A 134 5.28 5.33 5.40
C PRO A 134 4.25 4.22 5.65
N GLY A 135 4.10 3.84 6.94
CA GLY A 135 3.16 2.81 7.34
C GLY A 135 3.56 1.37 6.96
N GLY A 136 4.72 1.17 6.33
CA GLY A 136 5.18 -0.16 5.95
C GLY A 136 5.30 -1.10 7.15
N LEU A 137 5.92 -0.61 8.23
CA LEU A 137 5.99 -1.26 9.53
C LEU A 137 5.12 -0.51 10.56
N ALA A 138 4.56 -1.29 11.49
CA ALA A 138 3.80 -0.76 12.62
C ALA A 138 4.17 -1.56 13.85
N VAL A 139 4.42 -0.83 14.94
CA VAL A 139 4.72 -1.43 16.23
C VAL A 139 3.64 -1.09 17.26
N LEU A 140 3.18 -2.14 18.00
CA LEU A 140 2.41 -1.95 19.22
C LEU A 140 3.35 -1.98 20.42
N ALA A 141 3.24 -0.93 21.27
CA ALA A 141 4.09 -0.72 22.43
C ALA A 141 3.22 -0.58 23.67
N ALA A 142 3.65 -1.25 24.75
CA ALA A 142 2.97 -1.18 26.05
C ALA A 142 4.02 -1.04 27.13
N PHE A 143 3.73 -0.21 28.14
CA PHE A 143 4.61 -0.07 29.29
C PHE A 143 4.37 -1.22 30.25
N LEU A 144 5.46 -1.74 30.83
CA LEU A 144 5.35 -2.71 31.90
C LEU A 144 5.74 -2.01 33.20
N GLU A 145 4.89 -2.14 34.24
CA GLU A 145 5.14 -1.58 35.57
C GLU A 145 5.12 -2.69 36.63
N GLU A 146 5.51 -2.31 37.86
CA GLU A 146 5.41 -3.17 39.02
C GLU A 146 4.01 -3.15 39.63
N GLY A 147 3.48 -4.35 39.85
CA GLY A 147 2.28 -4.56 40.65
C GLY A 147 2.46 -5.74 41.60
N PRO A 148 1.49 -6.01 42.49
CA PRO A 148 1.68 -7.06 43.51
C PRO A 148 1.58 -8.49 42.97
N GLU A 149 0.71 -8.75 41.99
CA GLU A 149 0.47 -10.11 41.52
C GLU A 149 1.57 -10.49 40.51
N GLU A 150 1.91 -11.77 40.47
CA GLU A 150 2.71 -12.31 39.39
C GLU A 150 1.84 -12.42 38.13
N ASN A 151 2.44 -12.10 36.98
CA ASN A 151 1.72 -12.05 35.70
C ASN A 151 1.89 -13.40 35.00
N SER A 152 0.78 -14.10 34.82
CA SER A 152 0.82 -15.42 34.21
C SER A 152 1.42 -15.34 32.80
N ALA A 153 0.95 -14.37 31.99
CA ALA A 153 1.32 -14.30 30.58
C ALA A 153 2.81 -14.09 30.46
N TYR A 154 3.36 -13.16 31.23
CA TYR A 154 4.78 -12.91 31.15
C TYR A 154 5.61 -14.07 31.75
N GLU A 155 5.06 -14.83 32.71
CA GLU A 155 5.83 -15.90 33.35
C GLU A 155 6.28 -16.93 32.31
N GLN A 156 5.42 -17.22 31.32
CA GLN A 156 5.74 -18.13 30.24
C GLN A 156 7.01 -17.75 29.48
N LEU A 157 7.34 -16.45 29.44
CA LEU A 157 8.54 -16.02 28.76
C LEU A 157 9.69 -15.92 29.75
N LEU A 158 9.39 -15.37 30.92
CA LEU A 158 10.44 -15.03 31.87
C LEU A 158 11.05 -16.31 32.45
N SER A 159 10.19 -17.32 32.69
CA SER A 159 10.60 -18.59 33.27
C SER A 159 11.57 -19.33 32.35
N ARG A 160 11.72 -18.85 31.10
CA ARG A 160 12.50 -19.54 30.09
C ARG A 160 13.78 -18.80 29.73
N LEU A 161 14.07 -17.68 30.43
CA LEU A 161 15.17 -16.80 30.07
C LEU A 161 16.50 -17.43 30.49
N GLU A 162 16.48 -18.19 31.60
CA GLU A 162 17.72 -18.70 32.16
C GLU A 162 18.39 -19.61 31.14
N GLU A 163 17.57 -20.35 30.38
CA GLU A 163 18.02 -21.20 29.28
C GLU A 163 18.69 -20.45 28.14
N ILE A 164 18.57 -19.12 28.06
CA ILE A 164 19.17 -18.41 26.94
C ILE A 164 19.99 -17.23 27.45
N ALA A 165 20.57 -17.38 28.63
CA ALA A 165 21.35 -16.31 29.24
C ALA A 165 22.49 -15.85 28.30
N GLU A 166 23.05 -16.77 27.51
CA GLU A 166 24.22 -16.52 26.69
C GLU A 166 23.84 -15.79 25.39
N GLU A 167 24.54 -14.69 25.10
CA GLU A 167 24.46 -14.04 23.79
C GLU A 167 24.40 -15.10 22.69
N GLY A 168 23.39 -15.01 21.81
CA GLY A 168 23.32 -15.85 20.63
C GLY A 168 22.49 -17.12 20.86
N SER A 169 22.22 -17.48 22.11
CA SER A 169 21.51 -18.72 22.40
C SER A 169 20.00 -18.55 22.18
N GLU A 170 19.33 -19.68 21.94
CA GLU A 170 17.91 -19.70 21.69
C GLU A 170 17.28 -20.97 22.27
N THR A 171 15.95 -21.04 22.23
CA THR A 171 15.20 -22.17 22.76
C THR A 171 13.80 -22.11 22.14
N GLN A 172 13.10 -23.25 22.10
CA GLN A 172 11.73 -23.33 21.62
C GLN A 172 10.83 -23.16 22.86
N VAL A 173 9.71 -22.42 22.70
CA VAL A 173 8.74 -22.25 23.77
C VAL A 173 7.37 -22.60 23.21
N PRO A 174 6.41 -23.04 24.06
CA PRO A 174 5.06 -23.33 23.58
C PRO A 174 4.39 -22.03 23.14
N GLY A 175 3.48 -22.16 22.19
CA GLY A 175 2.59 -21.09 21.80
C GLY A 175 1.75 -20.63 22.99
N LEU A 176 1.42 -19.33 22.96
CA LEU A 176 0.72 -18.62 24.01
C LEU A 176 -0.13 -17.54 23.36
N ASP A 177 -1.03 -16.99 24.16
CA ASP A 177 -1.86 -15.88 23.74
C ASP A 177 -1.02 -14.60 23.80
N ILE A 178 -0.48 -14.18 22.68
CA ILE A 178 0.36 -13.00 22.63
C ILE A 178 -0.41 -11.77 23.11
N SER A 179 -1.72 -11.73 22.83
CA SER A 179 -2.54 -10.57 23.16
C SER A 179 -2.70 -10.43 24.67
N ALA A 180 -2.52 -11.53 25.41
CA ALA A 180 -2.55 -11.52 26.87
C ALA A 180 -1.41 -10.69 27.47
N LEU A 181 -0.32 -10.48 26.71
CA LEU A 181 0.80 -9.62 27.10
C LEU A 181 0.51 -8.11 27.00
N LEU A 182 -0.68 -7.74 26.50
CA LEU A 182 -1.02 -6.36 26.17
C LEU A 182 -2.13 -5.86 27.11
N PRO A 183 -2.25 -4.52 27.26
CA PRO A 183 -3.18 -3.97 28.22
C PRO A 183 -4.63 -4.24 27.90
N SER A 184 -5.45 -3.83 28.86
CA SER A 184 -6.87 -4.15 28.93
C SER A 184 -7.69 -3.49 27.81
N ASP A 185 -7.44 -2.20 27.51
CA ASP A 185 -8.39 -1.42 26.73
C ASP A 185 -7.75 -1.02 25.40
N PHE A 186 -8.19 -1.65 24.31
CA PHE A 186 -7.60 -1.44 22.99
C PHE A 186 -8.16 -0.17 22.31
N SER A 187 -8.95 0.61 23.06
CA SER A 187 -9.71 1.80 22.64
C SER A 187 -8.82 3.03 22.83
N ARG A 188 -7.79 2.88 23.68
CA ARG A 188 -7.11 3.97 24.35
C ARG A 188 -5.60 3.83 24.08
N TYR A 189 -5.09 4.70 23.17
CA TYR A 189 -3.69 4.69 22.77
C TYR A 189 -3.30 6.07 22.22
N PHE A 190 -1.97 6.28 22.18
CA PHE A 190 -1.31 7.31 21.40
C PHE A 190 -0.76 6.71 20.10
N GLN A 191 -0.60 7.55 19.09
CA GLN A 191 -0.08 7.12 17.81
C GLN A 191 0.72 8.25 17.16
N TYR A 192 1.88 7.90 16.61
CA TYR A 192 2.66 8.85 15.84
C TYR A 192 3.53 8.02 14.88
N GLU A 193 4.16 8.76 13.99
CA GLU A 193 5.06 8.18 13.01
C GLU A 193 6.50 8.54 13.35
N GLY A 194 7.34 7.51 13.38
CA GLY A 194 8.72 7.59 13.78
C GLY A 194 9.57 6.52 13.11
N SER A 195 10.57 6.01 13.86
CA SER A 195 11.61 5.15 13.33
C SER A 195 11.72 3.87 14.15
N LEU A 196 12.50 2.93 13.63
CA LEU A 196 13.07 1.88 14.45
C LEU A 196 14.02 2.52 15.46
N THR A 197 14.13 1.92 16.66
CA THR A 197 15.00 2.48 17.70
C THR A 197 16.36 1.80 17.72
N THR A 198 16.58 0.89 16.76
CA THR A 198 17.84 0.19 16.56
C THR A 198 18.25 0.44 15.11
N PRO A 199 19.55 0.38 14.75
CA PRO A 199 19.96 0.36 13.33
C PRO A 199 19.12 -0.66 12.56
N PRO A 200 18.64 -0.34 11.35
CA PRO A 200 18.96 0.90 10.64
C PRO A 200 18.18 2.20 10.87
N CYS A 201 17.39 2.29 11.95
CA CYS A 201 16.72 3.52 12.31
C CYS A 201 15.79 4.01 11.19
N ALA A 202 15.22 3.08 10.41
CA ALA A 202 14.37 3.41 9.28
C ALA A 202 13.14 4.20 9.76
N GLN A 203 12.77 5.23 8.99
CA GLN A 203 11.58 6.05 9.24
C GLN A 203 10.34 5.43 8.58
N GLY A 204 9.17 6.07 8.80
CA GLY A 204 7.91 5.61 8.27
C GLY A 204 7.25 4.51 9.14
N VAL A 205 7.77 4.27 10.37
CA VAL A 205 7.17 3.34 11.32
C VAL A 205 6.03 4.03 12.08
N ILE A 206 4.84 3.43 12.03
CA ILE A 206 3.72 3.84 12.88
C ILE A 206 3.81 3.16 14.24
N TRP A 207 4.10 3.98 15.25
CA TRP A 207 4.06 3.62 16.64
C TRP A 207 2.69 3.86 17.25
N THR A 208 2.15 2.83 17.91
CA THR A 208 0.98 2.90 18.75
C THR A 208 1.36 2.52 20.17
N VAL A 209 1.14 3.43 21.12
CA VAL A 209 1.51 3.25 22.52
C VAL A 209 0.23 3.23 23.35
N PHE A 210 -0.09 2.06 23.91
CA PHE A 210 -1.23 1.93 24.77
C PHE A 210 -1.16 2.96 25.88
N GLN A 211 -2.30 3.53 26.22
CA GLN A 211 -2.38 4.39 27.38
C GLN A 211 -2.20 3.59 28.67
N GLN A 212 -2.84 2.46 28.80
CA GLN A 212 -2.73 1.75 30.05
C GLN A 212 -1.57 0.79 30.10
N THR A 213 -1.13 0.45 31.29
CA THR A 213 0.06 -0.37 31.44
C THR A 213 -0.36 -1.79 31.75
N VAL A 214 0.68 -2.60 31.86
CA VAL A 214 0.60 -3.99 32.23
C VAL A 214 1.52 -4.17 33.44
N MET A 215 1.12 -5.04 34.37
CA MET A 215 1.83 -5.17 35.65
C MET A 215 2.55 -6.52 35.74
N LEU A 216 3.80 -6.47 36.20
CA LEU A 216 4.58 -7.64 36.58
C LEU A 216 5.08 -7.43 38.01
N SER A 217 5.21 -8.53 38.76
CA SER A 217 5.85 -8.58 40.08
C SER A 217 7.28 -8.07 40.02
N ALA A 218 7.79 -7.61 41.17
CA ALA A 218 9.17 -7.18 41.30
C ALA A 218 10.14 -8.31 40.92
N LYS A 219 9.74 -9.54 41.25
CA LYS A 219 10.58 -10.70 40.94
C LYS A 219 10.71 -10.86 39.42
N GLN A 220 9.56 -10.81 38.72
CA GLN A 220 9.52 -10.89 37.26
C GLN A 220 10.39 -9.80 36.62
N LEU A 221 10.22 -8.56 37.07
CA LEU A 221 11.00 -7.47 36.52
C LEU A 221 12.49 -7.69 36.77
N HIS A 222 12.85 -8.19 37.97
CA HIS A 222 14.22 -8.59 38.25
C HIS A 222 14.62 -9.74 37.33
N THR A 223 13.79 -10.78 37.20
CA THR A 223 14.12 -11.88 36.29
C THR A 223 14.40 -11.32 34.89
N LEU A 224 13.57 -10.37 34.39
CA LEU A 224 13.76 -9.78 33.07
C LEU A 224 15.13 -9.07 32.94
N SER A 225 15.49 -8.29 33.95
CA SER A 225 16.63 -7.38 33.83
C SER A 225 17.93 -8.06 34.20
N ASP A 226 17.87 -9.23 34.84
CA ASP A 226 19.05 -9.73 35.53
C ASP A 226 19.53 -11.06 34.97
N THR A 227 18.85 -11.65 33.99
CA THR A 227 19.14 -13.03 33.61
C THR A 227 19.97 -13.11 32.32
N LEU A 228 19.99 -12.07 31.48
CA LEU A 228 20.55 -12.19 30.15
C LEU A 228 21.87 -11.42 30.08
N TRP A 229 22.79 -11.98 29.26
CA TRP A 229 24.13 -11.45 29.02
C TRP A 229 24.24 -10.91 27.60
N GLY A 230 24.97 -9.79 27.45
CA GLY A 230 25.10 -9.09 26.18
C GLY A 230 26.48 -9.31 25.55
N PRO A 231 26.94 -8.38 24.67
CA PRO A 231 28.28 -8.47 24.09
C PRO A 231 29.38 -8.43 25.15
N GLY A 232 30.53 -9.06 24.84
CA GLY A 232 31.63 -9.17 25.78
C GLY A 232 31.28 -10.09 26.94
N ASP A 233 31.35 -9.58 28.17
CA ASP A 233 30.83 -10.28 29.34
C ASP A 233 29.97 -9.32 30.16
N SER A 234 29.35 -8.33 29.48
CA SER A 234 28.48 -7.35 30.12
C SER A 234 27.05 -7.90 30.21
N ARG A 235 26.25 -7.32 31.11
CA ARG A 235 24.88 -7.75 31.32
C ARG A 235 23.99 -7.13 30.22
N LEU A 236 22.96 -7.87 29.78
CA LEU A 236 22.02 -7.27 28.83
C LEU A 236 20.99 -6.46 29.63
N GLN A 237 21.29 -5.16 29.78
CA GLN A 237 20.51 -4.24 30.58
C GLN A 237 20.43 -2.85 29.95
N LEU A 238 19.41 -2.07 30.30
CA LEU A 238 19.33 -0.69 29.79
C LEU A 238 19.38 -0.69 28.24
N ASN A 239 18.62 -1.61 27.63
CA ASN A 239 18.65 -1.78 26.19
C ASN A 239 17.58 -0.88 25.57
N PHE A 240 17.72 0.43 25.84
CA PHE A 240 16.75 1.44 25.40
C PHE A 240 17.50 2.60 24.79
N ARG A 241 16.88 3.27 23.83
CA ARG A 241 17.46 4.45 23.20
C ARG A 241 16.98 5.71 23.90
N ALA A 242 17.79 6.77 23.91
CA ALA A 242 17.42 8.06 24.44
C ALA A 242 16.26 8.63 23.61
N THR A 243 15.40 9.46 24.25
CA THR A 243 14.22 9.93 23.56
C THR A 243 14.68 10.94 22.52
N GLN A 244 13.92 11.03 21.40
CA GLN A 244 14.26 11.87 20.27
C GLN A 244 13.24 13.00 20.20
N PRO A 245 13.61 14.17 19.65
CA PRO A 245 12.65 15.25 19.43
C PRO A 245 11.59 14.97 18.38
N LEU A 246 10.40 15.53 18.62
CA LEU A 246 9.26 15.37 17.74
C LEU A 246 9.45 16.12 16.44
N ASN A 247 10.13 17.28 16.52
CA ASN A 247 10.36 18.12 15.35
C ASN A 247 9.07 18.43 14.61
N GLY A 248 8.06 18.90 15.33
CA GLY A 248 6.82 19.30 14.70
C GLY A 248 5.78 18.20 14.59
N ARG A 249 6.19 16.91 14.78
CA ARG A 249 5.20 15.84 14.77
C ARG A 249 4.23 16.01 15.93
N VAL A 250 2.93 15.77 15.70
CA VAL A 250 1.96 15.84 16.79
C VAL A 250 1.55 14.40 17.12
N ILE A 251 1.69 14.00 18.39
CA ILE A 251 1.20 12.71 18.82
C ILE A 251 -0.33 12.80 18.89
N GLU A 252 -0.97 11.78 18.32
CA GLU A 252 -2.42 11.67 18.39
C GLU A 252 -2.83 10.74 19.53
N ALA A 253 -4.05 10.98 19.99
CA ALA A 253 -4.70 10.17 21.01
C ALA A 253 -6.08 9.75 20.56
N SER A 254 -6.47 8.54 20.97
CA SER A 254 -7.74 7.96 20.59
C SER A 254 -8.87 8.24 21.60
N PHE A 255 -8.63 9.08 22.60
CA PHE A 255 -9.61 9.40 23.63
C PHE A 255 -9.47 10.88 24.00
N PRO A 256 -10.57 11.56 24.42
CA PRO A 256 -10.52 12.97 24.82
C PRO A 256 -9.76 13.12 26.09
N VAL B 17 -12.43 -5.49 -16.53
CA VAL B 17 -12.55 -4.54 -15.37
C VAL B 17 -11.41 -4.85 -14.39
N SER B 18 -10.87 -3.81 -13.73
CA SER B 18 -9.84 -3.98 -12.71
C SER B 18 -10.49 -4.19 -11.34
N PRO B 19 -10.12 -5.27 -10.59
CA PRO B 19 -10.83 -5.67 -9.37
C PRO B 19 -10.79 -4.66 -8.21
N ALA B 20 -9.75 -3.81 -8.15
CA ALA B 20 -9.69 -2.77 -7.14
C ALA B 20 -10.82 -1.74 -7.33
N CYS B 21 -11.46 -1.69 -8.53
CA CYS B 21 -12.61 -0.82 -8.74
C CYS B 21 -13.84 -1.32 -7.97
N ALA B 22 -13.68 -2.45 -7.29
CA ALA B 22 -14.72 -3.06 -6.49
C ALA B 22 -14.31 -3.16 -5.02
N GLY B 23 -13.21 -2.50 -4.63
CA GLY B 23 -12.80 -2.45 -3.23
C GLY B 23 -13.85 -1.78 -2.35
N ARG B 24 -13.70 -1.95 -1.03
CA ARG B 24 -14.62 -1.44 -0.03
C ARG B 24 -14.37 0.04 0.28
N PHE B 25 -13.17 0.56 -0.07
CA PHE B 25 -12.77 1.90 0.35
C PHE B 25 -12.40 2.74 -0.86
N GLN B 26 -13.44 3.13 -1.61
CA GLN B 26 -13.31 3.77 -2.90
C GLN B 26 -13.62 5.26 -2.76
N SER B 27 -13.20 6.02 -3.79
CA SER B 27 -13.49 7.45 -3.90
C SER B 27 -14.26 7.66 -5.19
N PRO B 28 -15.00 8.78 -5.39
CA PRO B 28 -15.17 9.84 -4.41
C PRO B 28 -16.25 9.46 -3.40
N VAL B 29 -16.48 10.38 -2.47
CA VAL B 29 -17.44 10.16 -1.39
C VAL B 29 -18.21 11.46 -1.16
N ASP B 30 -19.30 11.29 -0.41
CA ASP B 30 -20.14 12.40 -0.01
C ASP B 30 -19.65 12.83 1.36
N ILE B 31 -19.21 14.07 1.44
CA ILE B 31 -18.67 14.59 2.69
C ILE B 31 -19.86 15.15 3.49
N ARG B 32 -20.08 14.60 4.68
CA ARG B 32 -21.11 15.10 5.61
C ARG B 32 -20.39 15.69 6.81
N PRO B 33 -20.18 17.03 6.82
CA PRO B 33 -19.26 17.64 7.79
C PRO B 33 -19.64 17.40 9.24
N GLN B 34 -20.94 17.15 9.49
CA GLN B 34 -21.43 16.89 10.84
C GLN B 34 -20.89 15.56 11.34
N LEU B 35 -20.62 14.61 10.43
CA LEU B 35 -20.08 13.32 10.81
C LEU B 35 -18.57 13.31 10.69
N ALA B 36 -17.96 14.41 10.24
CA ALA B 36 -16.51 14.48 10.13
C ALA B 36 -15.93 14.59 11.53
N ALA B 37 -14.70 14.12 11.71
CA ALA B 37 -14.04 14.16 13.00
C ALA B 37 -13.00 15.27 12.97
N PHE B 38 -13.14 16.22 13.91
CA PHE B 38 -12.13 17.24 14.12
C PHE B 38 -10.85 16.55 14.59
N SER B 39 -9.75 16.87 13.90
CA SER B 39 -8.43 16.32 14.19
C SER B 39 -7.41 17.44 14.15
N PRO B 40 -7.02 18.01 15.31
CA PRO B 40 -6.09 19.13 15.29
C PRO B 40 -4.68 18.75 14.91
N ALA B 41 -4.41 17.46 14.67
CA ALA B 41 -3.12 17.08 14.09
C ALA B 41 -3.00 17.51 12.62
N LEU B 42 -4.13 17.79 11.95
CA LEU B 42 -4.10 18.22 10.57
C LEU B 42 -3.71 19.70 10.48
N ARG B 43 -2.46 19.92 10.16
CA ARG B 43 -1.89 21.25 10.01
C ARG B 43 -2.06 21.74 8.57
N PRO B 44 -1.79 23.05 8.37
CA PRO B 44 -1.85 23.64 7.03
C PRO B 44 -0.99 22.87 6.03
N LEU B 45 -1.54 22.63 4.85
CA LEU B 45 -0.72 22.10 3.76
C LEU B 45 0.41 23.07 3.39
N GLU B 46 1.58 22.53 3.03
CA GLU B 46 2.72 23.31 2.60
C GLU B 46 3.09 22.86 1.19
N LEU B 47 3.28 23.84 0.33
CA LEU B 47 3.69 23.62 -1.06
C LEU B 47 5.01 24.33 -1.30
N LEU B 48 5.89 23.70 -2.11
CA LEU B 48 7.13 24.34 -2.49
C LEU B 48 7.42 24.03 -3.95
N GLY B 49 7.86 25.06 -4.68
CA GLY B 49 8.27 24.93 -6.06
C GLY B 49 7.07 25.05 -7.00
N PHE B 50 5.88 25.48 -6.51
CA PHE B 50 4.72 25.44 -7.39
C PHE B 50 4.70 26.64 -8.34
N GLN B 51 5.51 27.67 -8.03
CA GLN B 51 5.48 28.89 -8.85
C GLN B 51 6.50 28.73 -9.98
N LEU B 52 6.05 28.23 -11.13
CA LEU B 52 6.92 27.83 -12.22
C LEU B 52 7.39 29.02 -13.06
N PRO B 53 8.61 28.95 -13.63
CA PRO B 53 8.96 29.87 -14.71
C PRO B 53 8.19 29.48 -15.98
N PRO B 54 8.08 30.39 -16.95
CA PRO B 54 7.32 30.14 -18.17
C PRO B 54 7.92 29.06 -19.07
N LEU B 55 9.25 28.87 -18.97
CA LEU B 55 9.96 27.83 -19.69
C LEU B 55 10.74 27.03 -18.69
N PRO B 56 10.83 25.68 -18.82
CA PRO B 56 10.20 24.95 -19.94
C PRO B 56 8.67 24.89 -19.87
N GLU B 57 8.03 24.77 -21.03
CA GLU B 57 6.59 24.62 -21.15
C GLU B 57 6.11 23.25 -20.62
N LEU B 58 4.83 23.15 -20.31
CA LEU B 58 4.21 21.96 -19.77
C LEU B 58 3.30 21.41 -20.87
N ARG B 59 2.95 20.12 -20.77
CA ARG B 59 2.07 19.50 -21.74
C ARG B 59 0.67 19.37 -21.17
N LEU B 60 -0.27 19.98 -21.90
CA LEU B 60 -1.69 19.93 -21.62
C LEU B 60 -2.33 18.96 -22.61
N ARG B 61 -3.00 17.91 -22.09
CA ARG B 61 -3.52 16.85 -22.93
C ARG B 61 -4.98 16.56 -22.62
N ASN B 62 -5.75 16.42 -23.71
CA ASN B 62 -7.05 15.78 -23.71
C ASN B 62 -6.88 14.27 -23.85
N ASN B 63 -7.05 13.54 -22.75
CA ASN B 63 -6.73 12.12 -22.73
C ASN B 63 -7.98 11.30 -22.98
N GLY B 64 -9.08 11.94 -23.35
CA GLY B 64 -10.31 11.21 -23.58
C GLY B 64 -11.23 11.13 -22.38
N HIS B 65 -10.71 11.20 -21.14
CA HIS B 65 -11.59 11.18 -19.97
C HIS B 65 -11.51 12.48 -19.15
N SER B 66 -10.47 13.28 -19.40
CA SER B 66 -10.23 14.51 -18.70
C SER B 66 -9.26 15.36 -19.52
N VAL B 67 -9.01 16.58 -19.02
CA VAL B 67 -7.89 17.38 -19.48
C VAL B 67 -6.85 17.35 -18.37
N GLN B 68 -5.62 16.91 -18.71
CA GLN B 68 -4.53 16.82 -17.77
C GLN B 68 -3.39 17.76 -18.15
N LEU B 69 -2.72 18.23 -17.10
CA LEU B 69 -1.51 19.03 -17.20
C LEU B 69 -0.43 18.24 -16.48
N THR B 70 0.60 17.83 -17.21
CA THR B 70 1.71 17.10 -16.61
C THR B 70 2.62 18.11 -15.96
N LEU B 71 3.07 17.84 -14.74
CA LEU B 71 3.84 18.79 -13.98
C LEU B 71 5.30 18.39 -13.98
N PRO B 72 6.24 19.33 -13.93
CA PRO B 72 7.67 18.99 -13.97
C PRO B 72 8.20 18.52 -12.62
N PRO B 73 9.43 18.02 -12.55
CA PRO B 73 10.08 17.81 -11.25
C PRO B 73 10.21 19.08 -10.40
N GLY B 74 10.24 18.90 -9.07
CA GLY B 74 10.59 19.94 -8.12
C GLY B 74 9.39 20.52 -7.38
N LEU B 75 8.17 20.00 -7.62
CA LEU B 75 6.99 20.47 -6.94
C LEU B 75 6.79 19.55 -5.75
N GLU B 76 6.97 20.13 -4.56
CA GLU B 76 6.94 19.40 -3.29
C GLU B 76 5.73 19.87 -2.49
N MET B 77 5.02 18.88 -1.94
CA MET B 77 3.85 19.10 -1.14
C MET B 77 4.04 18.30 0.13
N ALA B 78 3.62 18.85 1.27
CA ALA B 78 3.66 18.08 2.51
C ALA B 78 2.32 18.16 3.22
N LEU B 79 1.83 17.00 3.67
CA LEU B 79 0.59 16.91 4.41
C LEU B 79 0.83 17.18 5.90
N GLY B 80 2.09 17.16 6.29
CA GLY B 80 2.55 17.44 7.63
C GLY B 80 4.03 17.10 7.72
N PRO B 81 4.67 17.37 8.87
CA PRO B 81 6.07 16.99 9.09
C PRO B 81 6.34 15.51 8.82
N GLY B 82 7.31 15.25 7.96
CA GLY B 82 7.67 13.91 7.55
C GLY B 82 6.68 13.25 6.58
N ARG B 83 5.73 13.98 6.00
CA ARG B 83 4.72 13.40 5.12
C ARG B 83 4.80 14.10 3.75
N GLU B 84 5.84 13.77 2.97
CA GLU B 84 6.27 14.55 1.84
C GLU B 84 5.97 13.84 0.53
N TYR B 85 5.61 14.66 -0.47
CA TYR B 85 5.07 14.22 -1.76
C TYR B 85 5.68 15.08 -2.86
N ARG B 86 5.69 14.52 -4.08
CA ARG B 86 6.06 15.24 -5.31
C ARG B 86 4.86 15.26 -6.25
N ALA B 87 4.55 16.42 -6.81
CA ALA B 87 3.38 16.50 -7.67
C ALA B 87 3.74 15.92 -9.04
N LEU B 88 2.82 15.16 -9.65
CA LEU B 88 2.95 14.50 -10.94
C LEU B 88 2.13 15.20 -12.01
N GLN B 89 0.88 15.52 -11.68
CA GLN B 89 -0.02 16.07 -12.70
C GLN B 89 -1.26 16.63 -12.03
N LEU B 90 -2.03 17.42 -12.79
CA LEU B 90 -3.38 17.78 -12.39
C LEU B 90 -4.36 17.56 -13.54
N HIS B 91 -5.62 17.34 -13.20
CA HIS B 91 -6.69 17.19 -14.18
C HIS B 91 -7.99 17.70 -13.55
N LEU B 92 -9.04 17.74 -14.36
CA LEU B 92 -10.32 18.33 -13.97
C LEU B 92 -11.48 17.36 -14.19
N HIS B 93 -12.52 17.56 -13.38
CA HIS B 93 -13.78 16.89 -13.57
C HIS B 93 -14.85 17.98 -13.64
N TRP B 94 -15.87 17.80 -14.49
CA TRP B 94 -16.88 18.81 -14.79
C TRP B 94 -18.14 18.15 -15.36
N GLY B 95 -19.20 18.97 -15.51
CA GLY B 95 -20.49 18.47 -15.93
C GLY B 95 -20.83 18.90 -17.35
N ALA B 96 -21.90 19.69 -17.46
CA ALA B 96 -22.46 20.11 -18.74
C ALA B 96 -23.45 21.25 -18.48
N ALA B 97 -23.91 21.93 -19.54
CA ALA B 97 -24.79 23.08 -19.40
C ALA B 97 -25.87 22.84 -18.34
N GLY B 98 -25.87 23.68 -17.29
CA GLY B 98 -26.79 23.54 -16.18
C GLY B 98 -26.68 22.19 -15.44
N ARG B 99 -25.52 21.50 -15.51
CA ARG B 99 -25.36 20.26 -14.75
C ARG B 99 -23.98 20.23 -14.06
N PRO B 100 -23.94 20.12 -12.72
CA PRO B 100 -22.66 20.01 -12.02
C PRO B 100 -21.92 18.70 -12.31
N GLY B 101 -20.59 18.74 -12.18
CA GLY B 101 -19.73 17.61 -12.47
C GLY B 101 -18.59 17.39 -11.47
N SER B 102 -18.64 17.95 -10.24
CA SER B 102 -17.64 17.60 -9.24
C SER B 102 -17.75 16.13 -8.90
N GLU B 103 -16.65 15.55 -8.39
CA GLU B 103 -16.65 14.14 -8.01
C GLU B 103 -17.14 13.97 -6.57
N HIS B 104 -16.49 14.66 -5.66
CA HIS B 104 -16.93 14.72 -4.28
C HIS B 104 -18.19 15.58 -4.17
N THR B 105 -19.00 15.29 -3.15
CA THR B 105 -20.17 16.08 -2.86
C THR B 105 -20.12 16.47 -1.38
N VAL B 106 -20.85 17.52 -1.03
CA VAL B 106 -20.96 17.95 0.35
C VAL B 106 -22.44 17.94 0.70
N GLU B 107 -22.85 17.07 1.63
CA GLU B 107 -24.23 16.96 2.05
C GLU B 107 -25.08 16.78 0.80
N GLY B 108 -24.57 16.00 -0.16
CA GLY B 108 -25.30 15.70 -1.38
C GLY B 108 -25.27 16.83 -2.40
N HIS B 109 -24.65 17.99 -2.14
CA HIS B 109 -24.49 19.03 -3.16
C HIS B 109 -23.32 18.70 -4.08
N ARG B 110 -23.57 18.67 -5.39
CA ARG B 110 -22.52 18.55 -6.39
C ARG B 110 -22.17 19.95 -6.91
N PHE B 111 -20.88 20.28 -6.96
CA PHE B 111 -20.39 21.58 -7.40
C PHE B 111 -20.12 21.53 -8.91
N PRO B 112 -20.00 22.70 -9.59
CA PRO B 112 -19.82 22.73 -11.04
C PRO B 112 -18.65 21.87 -11.51
N ALA B 113 -17.48 22.00 -10.85
CA ALA B 113 -16.34 21.24 -11.32
C ALA B 113 -15.33 21.04 -10.17
N GLU B 114 -14.25 20.28 -10.46
CA GLU B 114 -13.32 19.86 -9.42
C GLU B 114 -11.94 19.72 -10.05
N ILE B 115 -10.95 20.19 -9.32
CA ILE B 115 -9.56 20.01 -9.73
C ILE B 115 -8.90 19.01 -8.80
N HIS B 116 -8.14 18.11 -9.41
CA HIS B 116 -7.32 17.20 -8.67
C HIS B 116 -5.84 17.38 -9.02
N VAL B 117 -4.99 17.41 -8.00
CA VAL B 117 -3.55 17.41 -8.19
C VAL B 117 -2.99 16.17 -7.50
N VAL B 118 -2.39 15.27 -8.30
CA VAL B 118 -2.00 13.93 -7.88
C VAL B 118 -0.51 13.96 -7.56
N HIS B 119 -0.16 13.41 -6.40
CA HIS B 119 1.22 13.43 -5.93
C HIS B 119 1.67 12.00 -5.60
N LEU B 120 3.00 11.83 -5.56
CA LEU B 120 3.63 10.56 -5.26
C LEU B 120 4.46 10.73 -4.00
N SER B 121 4.34 9.80 -3.04
CA SER B 121 5.17 9.85 -1.84
C SER B 121 6.63 9.86 -2.23
N THR B 122 7.43 10.65 -1.53
CA THR B 122 8.88 10.66 -1.75
C THR B 122 9.56 9.35 -1.37
N ALA B 123 8.87 8.44 -0.69
CA ALA B 123 9.46 7.14 -0.38
C ALA B 123 9.53 6.23 -1.61
N PHE B 124 8.76 6.55 -2.65
CA PHE B 124 8.63 5.76 -3.87
C PHE B 124 9.19 6.53 -5.07
N ALA B 125 9.98 5.84 -5.90
CA ALA B 125 10.56 6.37 -7.11
C ALA B 125 9.52 6.36 -8.21
N ARG B 126 8.58 5.43 -8.18
CA ARG B 126 7.64 5.35 -9.28
C ARG B 126 6.23 5.07 -8.77
N VAL B 127 5.25 5.52 -9.56
CA VAL B 127 3.85 5.29 -9.27
C VAL B 127 3.50 3.82 -9.08
N ASP B 128 4.07 2.92 -9.87
CA ASP B 128 3.67 1.51 -9.80
C ASP B 128 4.10 0.91 -8.48
N GLU B 129 5.16 1.42 -7.83
CA GLU B 129 5.52 0.90 -6.51
C GLU B 129 4.58 1.45 -5.42
N ALA B 130 3.89 2.58 -5.68
CA ALA B 130 3.12 3.26 -4.65
C ALA B 130 1.67 2.77 -4.61
N LEU B 131 1.19 2.27 -5.76
CA LEU B 131 -0.21 1.92 -5.98
C LEU B 131 -0.64 0.88 -4.96
N GLY B 132 -1.81 1.07 -4.33
CA GLY B 132 -2.26 0.19 -3.28
C GLY B 132 -1.45 0.27 -1.98
N ARG B 133 -0.36 1.04 -1.92
CA ARG B 133 0.42 1.11 -0.68
C ARG B 133 -0.11 2.27 0.17
N PRO B 134 -0.18 2.16 1.51
CA PRO B 134 -0.84 3.17 2.35
C PRO B 134 -0.09 4.49 2.28
N GLY B 135 -0.80 5.55 1.87
CA GLY B 135 -0.19 6.87 1.74
C GLY B 135 0.79 7.01 0.56
N GLY B 136 0.82 5.99 -0.31
CA GLY B 136 1.71 6.05 -1.45
C GLY B 136 1.42 7.23 -2.37
N LEU B 137 0.13 7.46 -2.61
CA LEU B 137 -0.35 8.56 -3.45
C LEU B 137 -1.23 9.46 -2.59
N ALA B 138 -1.17 10.76 -2.88
CA ALA B 138 -1.96 11.76 -2.22
C ALA B 138 -2.55 12.70 -3.28
N VAL B 139 -3.86 12.99 -3.19
CA VAL B 139 -4.50 13.89 -4.15
C VAL B 139 -5.02 15.10 -3.38
N LEU B 140 -4.72 16.31 -3.90
CA LEU B 140 -5.35 17.56 -3.49
C LEU B 140 -6.56 17.88 -4.38
N ALA B 141 -7.71 18.11 -3.73
CA ALA B 141 -8.98 18.30 -4.44
C ALA B 141 -9.59 19.62 -3.99
N ALA B 142 -10.01 20.44 -4.97
CA ALA B 142 -10.75 21.67 -4.72
C ALA B 142 -11.96 21.75 -5.63
N PHE B 143 -13.07 22.26 -5.12
CA PHE B 143 -14.23 22.48 -5.96
C PHE B 143 -14.11 23.80 -6.70
N LEU B 144 -14.70 23.79 -7.91
CA LEU B 144 -14.75 24.99 -8.74
C LEU B 144 -16.19 25.46 -8.81
N GLU B 145 -16.40 26.75 -8.53
CA GLU B 145 -17.71 27.39 -8.58
C GLU B 145 -17.60 28.64 -9.42
N GLU B 146 -18.76 29.20 -9.76
CA GLU B 146 -18.88 30.39 -10.54
C GLU B 146 -18.60 31.59 -9.65
N GLY B 147 -17.71 32.47 -10.07
CA GLY B 147 -17.67 33.79 -9.50
C GLY B 147 -17.83 34.84 -10.60
N PRO B 148 -17.72 36.13 -10.22
CA PRO B 148 -17.93 37.24 -11.16
C PRO B 148 -16.80 37.55 -12.12
N GLU B 149 -15.58 37.15 -11.76
CA GLU B 149 -14.39 37.56 -12.49
C GLU B 149 -13.81 36.35 -13.23
N GLU B 150 -13.13 36.64 -14.34
CA GLU B 150 -12.29 35.69 -15.03
C GLU B 150 -11.09 35.31 -14.17
N ASN B 151 -10.91 34.01 -13.91
CA ASN B 151 -9.78 33.50 -13.15
C ASN B 151 -8.57 33.47 -14.08
N SER B 152 -7.56 34.33 -13.86
CA SER B 152 -6.48 34.44 -14.84
C SER B 152 -5.58 33.19 -14.85
N ALA B 153 -5.43 32.50 -13.71
CA ALA B 153 -4.63 31.26 -13.77
C ALA B 153 -5.36 30.23 -14.63
N TYR B 154 -6.66 30.06 -14.40
CA TYR B 154 -7.40 29.05 -15.15
C TYR B 154 -7.44 29.42 -16.63
N GLU B 155 -7.37 30.72 -16.95
CA GLU B 155 -7.56 31.21 -18.31
C GLU B 155 -6.41 30.70 -19.19
N GLN B 156 -5.21 30.64 -18.65
CA GLN B 156 -4.07 30.09 -19.36
C GLN B 156 -4.29 28.65 -19.83
N LEU B 157 -5.08 27.88 -19.09
CA LEU B 157 -5.37 26.53 -19.54
C LEU B 157 -6.61 26.56 -20.42
N LEU B 158 -7.64 27.27 -19.96
CA LEU B 158 -8.93 27.18 -20.61
C LEU B 158 -8.86 27.73 -22.05
N SER B 159 -8.01 28.76 -22.27
CA SER B 159 -7.90 29.40 -23.57
C SER B 159 -7.20 28.49 -24.58
N ARG B 160 -6.68 27.34 -24.15
CA ARG B 160 -5.98 26.44 -25.01
C ARG B 160 -6.80 25.17 -25.28
N LEU B 161 -7.99 25.03 -24.67
CA LEU B 161 -8.75 23.78 -24.84
C LEU B 161 -9.15 23.56 -26.31
N GLU B 162 -9.39 24.64 -27.06
CA GLU B 162 -9.83 24.56 -28.44
C GLU B 162 -8.76 23.89 -29.31
N GLU B 163 -7.49 24.11 -28.97
CA GLU B 163 -6.35 23.45 -29.59
C GLU B 163 -6.40 21.94 -29.39
N ILE B 164 -7.03 21.47 -28.30
CA ILE B 164 -6.97 20.07 -27.95
C ILE B 164 -8.37 19.49 -27.86
N ALA B 165 -9.30 20.05 -28.66
CA ALA B 165 -10.68 19.56 -28.70
C ALA B 165 -10.75 18.06 -29.00
N GLU B 166 -9.89 17.58 -29.89
CA GLU B 166 -9.95 16.17 -30.24
C GLU B 166 -9.41 15.28 -29.14
N GLU B 167 -10.08 14.14 -28.93
CA GLU B 167 -9.57 13.11 -28.05
C GLU B 167 -8.13 12.73 -28.44
N GLY B 168 -7.28 12.56 -27.43
CA GLY B 168 -5.89 12.18 -27.62
C GLY B 168 -4.97 13.31 -28.10
N SER B 169 -5.47 14.56 -28.19
CA SER B 169 -4.63 15.67 -28.62
C SER B 169 -3.96 16.31 -27.40
N GLU B 170 -2.87 17.04 -27.68
CA GLU B 170 -2.17 17.78 -26.64
C GLU B 170 -1.46 19.00 -27.25
N THR B 171 -1.10 19.92 -26.35
CA THR B 171 -0.44 21.16 -26.69
C THR B 171 0.50 21.58 -25.56
N GLN B 172 1.47 22.43 -25.90
CA GLN B 172 2.39 22.97 -24.91
C GLN B 172 1.84 24.28 -24.34
N VAL B 173 1.99 24.47 -23.01
CA VAL B 173 1.65 25.74 -22.39
C VAL B 173 2.80 26.21 -21.52
N PRO B 174 2.99 27.54 -21.47
CA PRO B 174 3.91 28.14 -20.49
C PRO B 174 3.62 27.69 -19.06
N GLY B 175 4.69 27.45 -18.33
CA GLY B 175 4.56 27.31 -16.90
C GLY B 175 3.89 28.54 -16.29
N LEU B 176 3.24 28.25 -15.17
CA LEU B 176 2.50 29.24 -14.41
C LEU B 176 2.57 28.87 -12.93
N ASP B 177 1.95 29.71 -12.09
CA ASP B 177 1.76 29.42 -10.69
C ASP B 177 0.67 28.39 -10.52
N ILE B 178 1.08 27.12 -10.35
CA ILE B 178 0.15 26.03 -10.18
C ILE B 178 -0.66 26.23 -8.88
N SER B 179 -0.06 26.81 -7.83
CA SER B 179 -0.80 27.07 -6.58
C SER B 179 -1.93 28.05 -6.82
N ALA B 180 -1.90 28.80 -7.93
CA ALA B 180 -3.00 29.72 -8.19
C ALA B 180 -4.22 29.02 -8.77
N LEU B 181 -4.15 27.70 -9.04
CA LEU B 181 -5.31 26.94 -9.47
C LEU B 181 -6.06 26.36 -8.27
N LEU B 182 -5.52 26.63 -7.07
CA LEU B 182 -6.03 26.05 -5.86
C LEU B 182 -6.51 27.19 -4.97
N PRO B 183 -7.37 26.94 -3.97
CA PRO B 183 -7.72 27.99 -3.01
C PRO B 183 -6.54 28.55 -2.22
N SER B 184 -6.68 29.78 -1.72
CA SER B 184 -5.63 30.37 -0.88
C SER B 184 -5.66 29.81 0.55
N ASP B 185 -6.80 29.30 0.96
CA ASP B 185 -6.87 28.73 2.30
C ASP B 185 -6.41 27.26 2.31
N PHE B 186 -5.18 27.03 2.82
CA PHE B 186 -4.61 25.70 2.98
C PHE B 186 -4.75 25.10 4.39
N SER B 187 -5.53 25.76 5.26
CA SER B 187 -5.67 25.41 6.68
C SER B 187 -6.89 24.54 6.92
N ARG B 188 -7.91 24.73 6.07
CA ARG B 188 -9.23 24.17 6.27
C ARG B 188 -9.57 23.16 5.17
N TYR B 189 -9.71 21.87 5.56
CA TYR B 189 -9.85 20.77 4.60
C TYR B 189 -10.36 19.53 5.32
N PHE B 190 -10.98 18.65 4.55
CA PHE B 190 -11.34 17.32 4.94
C PHE B 190 -10.23 16.41 4.44
N GLN B 191 -10.00 15.30 5.13
CA GLN B 191 -9.04 14.33 4.65
C GLN B 191 -9.56 12.93 4.97
N TYR B 192 -9.45 12.04 4.00
CA TYR B 192 -9.83 10.66 4.25
C TYR B 192 -8.98 9.77 3.34
N GLU B 193 -9.12 8.46 3.56
CA GLU B 193 -8.39 7.47 2.79
C GLU B 193 -9.35 6.77 1.85
N GLY B 194 -8.91 6.64 0.58
CA GLY B 194 -9.76 6.22 -0.51
C GLY B 194 -8.91 5.71 -1.68
N SER B 195 -9.41 5.91 -2.90
CA SER B 195 -8.89 5.21 -4.09
C SER B 195 -8.70 6.19 -5.22
N LEU B 196 -8.00 5.75 -6.29
CA LEU B 196 -8.11 6.40 -7.58
C LEU B 196 -9.55 6.24 -8.07
N THR B 197 -10.05 7.22 -8.84
CA THR B 197 -11.45 7.22 -9.26
C THR B 197 -11.52 6.80 -10.73
N THR B 198 -10.38 6.32 -11.23
CA THR B 198 -10.23 5.81 -12.57
C THR B 198 -9.47 4.50 -12.44
N PRO B 199 -9.67 3.52 -13.34
CA PRO B 199 -8.90 2.26 -13.30
C PRO B 199 -7.41 2.55 -13.18
N PRO B 200 -6.63 1.83 -12.36
CA PRO B 200 -7.11 0.69 -11.56
C PRO B 200 -7.79 0.88 -10.19
N CYS B 201 -8.23 2.09 -9.87
CA CYS B 201 -8.96 2.35 -8.64
C CYS B 201 -8.25 1.84 -7.38
N ALA B 202 -6.90 1.91 -7.38
CA ALA B 202 -6.10 1.40 -6.28
C ALA B 202 -6.40 2.18 -5.01
N GLN B 203 -6.50 1.45 -3.91
CA GLN B 203 -6.70 2.05 -2.60
C GLN B 203 -5.38 2.56 -1.99
N GLY B 204 -5.50 3.10 -0.76
CA GLY B 204 -4.39 3.68 -0.04
C GLY B 204 -4.17 5.14 -0.40
N VAL B 205 -5.06 5.76 -1.20
CA VAL B 205 -4.85 7.14 -1.62
C VAL B 205 -5.35 8.09 -0.51
N ILE B 206 -4.52 9.04 -0.11
CA ILE B 206 -4.94 10.06 0.85
C ILE B 206 -5.53 11.25 0.09
N TRP B 207 -6.85 11.44 0.25
CA TRP B 207 -7.57 12.56 -0.32
C TRP B 207 -7.66 13.71 0.68
N THR B 208 -7.25 14.91 0.21
CA THR B 208 -7.43 16.19 0.91
C THR B 208 -8.36 17.05 0.05
N VAL B 209 -9.56 17.36 0.60
CA VAL B 209 -10.59 18.16 -0.05
C VAL B 209 -10.68 19.48 0.71
N PHE B 210 -10.27 20.57 0.04
CA PHE B 210 -10.31 21.92 0.60
C PHE B 210 -11.73 22.36 0.93
N GLN B 211 -11.87 23.10 2.04
CA GLN B 211 -13.14 23.72 2.38
C GLN B 211 -13.45 24.88 1.43
N GLN B 212 -12.47 25.76 1.24
CA GLN B 212 -12.68 26.91 0.36
C GLN B 212 -12.70 26.45 -1.10
N THR B 213 -13.54 27.08 -1.92
CA THR B 213 -13.63 26.77 -3.33
C THR B 213 -12.88 27.80 -4.18
N VAL B 214 -12.63 27.43 -5.45
CA VAL B 214 -12.01 28.34 -6.40
C VAL B 214 -13.09 28.84 -7.36
N MET B 215 -12.97 30.11 -7.79
CA MET B 215 -14.01 30.79 -8.58
C MET B 215 -13.58 30.91 -10.05
N LEU B 216 -14.41 30.44 -10.98
CA LEU B 216 -14.23 30.68 -12.41
C LEU B 216 -15.44 31.49 -12.90
N SER B 217 -15.30 32.18 -14.05
CA SER B 217 -16.44 32.86 -14.65
C SER B 217 -17.36 31.84 -15.30
N ALA B 218 -18.63 32.23 -15.47
CA ALA B 218 -19.57 31.43 -16.25
C ALA B 218 -18.98 31.06 -17.61
N LYS B 219 -18.36 32.01 -18.30
CA LYS B 219 -17.80 31.73 -19.62
C LYS B 219 -16.74 30.62 -19.48
N GLN B 220 -15.88 30.73 -18.45
CA GLN B 220 -14.84 29.76 -18.20
C GLN B 220 -15.42 28.37 -17.95
N LEU B 221 -16.44 28.30 -17.10
CA LEU B 221 -17.02 27.01 -16.82
C LEU B 221 -17.62 26.41 -18.10
N HIS B 222 -18.20 27.27 -18.98
CA HIS B 222 -18.80 26.82 -20.23
C HIS B 222 -17.71 26.35 -21.20
N THR B 223 -16.55 27.03 -21.23
CA THR B 223 -15.45 26.57 -22.06
C THR B 223 -15.01 25.17 -21.61
N LEU B 224 -14.86 24.96 -20.30
CA LEU B 224 -14.39 23.68 -19.80
C LEU B 224 -15.35 22.56 -20.22
N SER B 225 -16.67 22.79 -20.05
CA SER B 225 -17.67 21.73 -20.24
C SER B 225 -18.04 21.53 -21.72
N ASP B 226 -17.74 22.50 -22.57
CA ASP B 226 -18.32 22.52 -23.89
C ASP B 226 -17.25 22.39 -25.00
N THR B 227 -15.95 22.33 -24.67
CA THR B 227 -14.95 22.45 -25.72
C THR B 227 -14.39 21.08 -26.13
N LEU B 228 -14.34 20.08 -25.24
CA LEU B 228 -13.52 18.91 -25.54
C LEU B 228 -14.43 17.77 -25.98
N TRP B 229 -13.90 16.91 -26.86
CA TRP B 229 -14.57 15.70 -27.33
C TRP B 229 -13.85 14.45 -26.80
N GLY B 230 -14.64 13.40 -26.57
CA GLY B 230 -14.11 12.20 -25.93
C GLY B 230 -14.17 10.99 -26.88
N PRO B 231 -14.31 9.76 -26.33
CA PRO B 231 -14.40 8.56 -27.16
C PRO B 231 -15.70 8.60 -27.94
N GLY B 232 -15.76 7.83 -29.04
CA GLY B 232 -16.82 7.96 -30.02
C GLY B 232 -16.70 9.30 -30.71
N ASP B 233 -17.85 9.93 -31.00
CA ASP B 233 -17.90 11.34 -31.33
C ASP B 233 -18.79 12.05 -30.29
N SER B 234 -18.55 11.73 -29.01
CA SER B 234 -19.29 12.31 -27.89
C SER B 234 -18.50 13.48 -27.28
N ARG B 235 -19.23 14.45 -26.72
CA ARG B 235 -18.63 15.53 -25.97
C ARG B 235 -18.04 14.94 -24.68
N LEU B 236 -16.84 15.39 -24.30
CA LEU B 236 -16.27 15.03 -23.01
C LEU B 236 -16.89 15.92 -21.94
N GLN B 237 -17.84 15.34 -21.21
CA GLN B 237 -18.67 16.02 -20.23
C GLN B 237 -19.07 15.01 -19.17
N LEU B 238 -19.53 15.50 -17.99
CA LEU B 238 -20.02 14.60 -16.93
C LEU B 238 -19.00 13.52 -16.61
N ASN B 239 -17.71 13.88 -16.62
CA ASN B 239 -16.62 12.95 -16.44
C ASN B 239 -16.30 12.77 -14.94
N PHE B 240 -17.34 12.41 -14.16
CA PHE B 240 -17.22 12.16 -12.73
C PHE B 240 -17.76 10.77 -12.42
N ARG B 241 -17.13 10.10 -11.46
CA ARG B 241 -17.56 8.81 -10.96
C ARG B 241 -18.60 9.03 -9.87
N ALA B 242 -19.55 8.10 -9.78
CA ALA B 242 -20.58 8.17 -8.76
C ALA B 242 -19.96 8.07 -7.37
N THR B 243 -20.59 8.79 -6.46
CA THR B 243 -20.28 8.77 -5.04
C THR B 243 -20.24 7.33 -4.51
N GLN B 244 -19.21 7.02 -3.71
CA GLN B 244 -18.99 5.71 -3.15
C GLN B 244 -19.31 5.77 -1.66
N PRO B 245 -19.79 4.64 -1.07
CA PRO B 245 -20.09 4.60 0.38
C PRO B 245 -18.78 4.63 1.15
N LEU B 246 -18.82 5.34 2.29
CA LEU B 246 -17.72 5.44 3.20
C LEU B 246 -17.41 4.08 3.83
N ASN B 247 -18.46 3.27 4.05
CA ASN B 247 -18.30 1.91 4.54
C ASN B 247 -17.49 1.86 5.84
N GLY B 248 -17.77 2.82 6.74
CA GLY B 248 -17.25 2.84 8.09
C GLY B 248 -16.02 3.74 8.27
N ARG B 249 -15.44 4.22 7.16
CA ARG B 249 -14.35 5.19 7.23
C ARG B 249 -14.86 6.50 7.84
N VAL B 250 -13.99 7.22 8.51
CA VAL B 250 -14.32 8.48 9.14
C VAL B 250 -13.53 9.58 8.43
N ILE B 251 -14.22 10.52 7.80
CA ILE B 251 -13.58 11.70 7.21
C ILE B 251 -13.13 12.59 8.35
N GLU B 252 -11.88 13.01 8.30
CA GLU B 252 -11.37 13.96 9.27
C GLU B 252 -11.43 15.38 8.71
N ALA B 253 -11.45 16.35 9.64
CA ALA B 253 -11.53 17.76 9.32
C ALA B 253 -10.44 18.47 10.11
N SER B 254 -9.81 19.46 9.50
CA SER B 254 -8.75 20.21 10.19
C SER B 254 -9.30 21.33 11.08
N PHE B 255 -10.63 21.42 11.27
CA PHE B 255 -11.34 22.50 11.95
C PHE B 255 -12.59 21.87 12.59
N PRO B 256 -13.03 22.36 13.76
CA PRO B 256 -14.24 21.82 14.41
C PRO B 256 -15.52 22.29 13.72
N VAL C 17 8.89 -12.87 -25.84
CA VAL C 17 9.68 -11.72 -25.29
C VAL C 17 9.26 -10.46 -26.07
N SER C 18 9.83 -9.30 -25.72
CA SER C 18 9.45 -8.04 -26.36
C SER C 18 9.94 -7.97 -27.82
N PRO C 19 9.08 -7.52 -28.76
CA PRO C 19 9.45 -7.42 -30.18
C PRO C 19 10.70 -6.57 -30.45
N ALA C 20 10.84 -5.45 -29.74
CA ALA C 20 11.93 -4.51 -29.98
C ALA C 20 13.30 -5.15 -29.75
N CYS C 21 13.35 -6.32 -29.06
CA CYS C 21 14.60 -7.05 -28.82
C CYS C 21 15.15 -7.64 -30.11
N ALA C 22 14.38 -7.51 -31.19
CA ALA C 22 14.73 -7.98 -32.51
C ALA C 22 14.93 -6.79 -33.45
N GLY C 23 15.18 -5.59 -32.90
CA GLY C 23 15.43 -4.42 -33.72
C GLY C 23 16.83 -4.47 -34.37
N ARG C 24 17.02 -3.61 -35.37
CA ARG C 24 18.25 -3.60 -36.15
C ARG C 24 19.32 -2.77 -35.45
N PHE C 25 18.93 -1.86 -34.54
CA PHE C 25 19.88 -0.95 -33.92
C PHE C 25 19.93 -1.11 -32.40
N GLN C 26 20.50 -2.23 -31.97
CA GLN C 26 20.56 -2.67 -30.59
C GLN C 26 21.92 -2.35 -29.95
N SER C 27 21.99 -2.52 -28.62
CA SER C 27 23.22 -2.39 -27.84
C SER C 27 23.41 -3.66 -27.01
N PRO C 28 24.59 -3.98 -26.44
CA PRO C 28 25.84 -3.23 -26.62
C PRO C 28 26.48 -3.51 -27.97
N VAL C 29 27.55 -2.77 -28.29
CA VAL C 29 28.30 -2.96 -29.51
C VAL C 29 29.80 -3.09 -29.17
N ASP C 30 30.54 -3.56 -30.17
CA ASP C 30 32.00 -3.52 -30.14
C ASP C 30 32.43 -2.16 -30.68
N ILE C 31 33.18 -1.42 -29.88
CA ILE C 31 33.69 -0.12 -30.30
C ILE C 31 35.06 -0.35 -30.95
N ARG C 32 35.17 0.01 -32.25
CA ARG C 32 36.43 -0.01 -32.99
C ARG C 32 36.94 1.41 -33.11
N PRO C 33 37.85 1.90 -32.22
CA PRO C 33 38.23 3.30 -32.27
C PRO C 33 38.67 3.79 -33.66
N GLN C 34 39.29 2.91 -34.46
CA GLN C 34 39.81 3.28 -35.76
C GLN C 34 38.68 3.74 -36.69
N LEU C 35 37.53 3.06 -36.62
CA LEU C 35 36.36 3.35 -37.45
C LEU C 35 35.46 4.45 -36.86
N ALA C 36 35.79 5.00 -35.69
CA ALA C 36 34.92 5.99 -35.08
C ALA C 36 35.08 7.30 -35.84
N ALA C 37 34.04 8.11 -35.88
CA ALA C 37 34.10 9.38 -36.54
C ALA C 37 34.37 10.47 -35.51
N PHE C 38 35.53 11.13 -35.66
CA PHE C 38 35.87 12.30 -34.85
C PHE C 38 34.84 13.39 -35.11
N SER C 39 34.25 13.95 -34.04
CA SER C 39 33.16 14.90 -34.15
C SER C 39 33.35 16.01 -33.11
N PRO C 40 33.95 17.15 -33.50
CA PRO C 40 34.23 18.24 -32.57
C PRO C 40 33.03 18.98 -32.02
N ALA C 41 31.82 18.66 -32.49
CA ALA C 41 30.63 19.20 -31.84
C ALA C 41 30.38 18.54 -30.48
N LEU C 42 30.99 17.38 -30.24
CA LEU C 42 30.81 16.64 -28.99
C LEU C 42 31.66 17.30 -27.89
N ARG C 43 30.96 18.02 -27.00
CA ARG C 43 31.57 18.78 -25.93
C ARG C 43 31.65 17.95 -24.65
N PRO C 44 32.42 18.38 -23.64
CA PRO C 44 32.46 17.70 -22.35
C PRO C 44 31.07 17.63 -21.70
N LEU C 45 30.76 16.45 -21.17
CA LEU C 45 29.56 16.19 -20.39
C LEU C 45 29.58 17.07 -19.15
N GLU C 46 28.40 17.57 -18.77
CA GLU C 46 28.22 18.39 -17.58
C GLU C 46 27.19 17.69 -16.69
N LEU C 47 27.58 17.47 -15.43
CA LEU C 47 26.70 16.92 -14.40
C LEU C 47 26.48 17.97 -13.31
N LEU C 48 25.24 18.02 -12.81
CA LEU C 48 24.82 18.84 -11.68
C LEU C 48 23.98 17.99 -10.75
N GLY C 49 24.27 18.09 -9.43
CA GLY C 49 23.43 17.52 -8.40
C GLY C 49 23.83 16.09 -8.02
N PHE C 50 24.98 15.61 -8.53
CA PHE C 50 25.41 14.24 -8.32
C PHE C 50 26.13 14.06 -6.97
N GLN C 51 26.54 15.16 -6.34
CA GLN C 51 27.22 15.05 -5.05
C GLN C 51 26.16 15.02 -3.96
N LEU C 52 25.70 13.80 -3.62
CA LEU C 52 24.56 13.67 -2.73
C LEU C 52 25.02 13.65 -1.27
N PRO C 53 24.20 14.23 -0.36
CA PRO C 53 24.47 14.08 1.06
C PRO C 53 24.03 12.71 1.56
N PRO C 54 24.40 12.32 2.81
CA PRO C 54 24.01 11.03 3.36
C PRO C 54 22.52 10.74 3.43
N LEU C 55 21.71 11.76 3.70
CA LEU C 55 20.28 11.62 3.82
C LEU C 55 19.64 12.52 2.79
N PRO C 56 18.51 12.12 2.16
CA PRO C 56 17.90 10.79 2.40
C PRO C 56 18.67 9.61 1.83
N GLU C 57 18.41 8.42 2.39
CA GLU C 57 19.04 7.19 1.86
C GLU C 57 18.47 6.80 0.50
N LEU C 58 19.23 5.97 -0.24
CA LEU C 58 18.89 5.43 -1.55
C LEU C 58 18.64 3.91 -1.44
N ARG C 59 17.79 3.37 -2.31
CA ARG C 59 17.49 1.96 -2.31
C ARG C 59 18.43 1.23 -3.27
N LEU C 60 19.13 0.25 -2.72
CA LEU C 60 20.05 -0.60 -3.43
C LEU C 60 19.43 -1.98 -3.49
N ARG C 61 19.27 -2.48 -4.72
CA ARG C 61 18.46 -3.66 -4.92
C ARG C 61 19.16 -4.66 -5.84
N ASN C 62 19.12 -5.92 -5.40
CA ASN C 62 19.34 -7.07 -6.24
C ASN C 62 18.06 -7.42 -6.97
N ASN C 63 17.97 -7.05 -8.25
CA ASN C 63 16.72 -7.26 -9.01
C ASN C 63 16.76 -8.58 -9.76
N GLY C 64 17.80 -9.38 -9.51
CA GLY C 64 17.91 -10.72 -10.07
C GLY C 64 18.70 -10.77 -11.38
N HIS C 65 19.01 -9.62 -12.01
CA HIS C 65 19.92 -9.57 -13.14
C HIS C 65 20.99 -8.48 -13.06
N SER C 66 20.86 -7.54 -12.11
CA SER C 66 21.95 -6.67 -11.75
C SER C 66 21.76 -6.20 -10.30
N VAL C 67 22.70 -5.38 -9.82
CA VAL C 67 22.48 -4.58 -8.63
C VAL C 67 22.19 -3.16 -9.11
N GLN C 68 21.04 -2.62 -8.69
CA GLN C 68 20.61 -1.27 -9.05
C GLN C 68 20.58 -0.34 -7.85
N LEU C 69 20.94 0.90 -8.13
CA LEU C 69 20.80 1.96 -7.16
C LEU C 69 19.86 2.99 -7.75
N THR C 70 18.74 3.23 -7.06
CA THR C 70 17.76 4.20 -7.50
C THR C 70 18.23 5.57 -7.07
N LEU C 71 18.23 6.50 -8.02
CA LEU C 71 18.73 7.84 -7.76
C LEU C 71 17.58 8.79 -7.51
N PRO C 72 17.77 9.81 -6.66
CA PRO C 72 16.72 10.76 -6.33
C PRO C 72 16.50 11.80 -7.42
N PRO C 73 15.45 12.62 -7.31
CA PRO C 73 15.27 13.74 -8.22
C PRO C 73 16.42 14.73 -8.05
N GLY C 74 16.66 15.47 -9.13
CA GLY C 74 17.55 16.61 -9.05
C GLY C 74 18.94 16.33 -9.62
N LEU C 75 19.16 15.17 -10.28
CA LEU C 75 20.46 14.86 -10.89
C LEU C 75 20.38 15.14 -12.40
N GLU C 76 21.01 16.23 -12.81
CA GLU C 76 20.88 16.74 -14.16
C GLU C 76 22.16 16.46 -14.95
N MET C 77 21.97 16.13 -16.22
CA MET C 77 23.09 15.78 -17.09
C MET C 77 22.80 16.33 -18.47
N ALA C 78 23.81 16.98 -19.04
CA ALA C 78 23.69 17.56 -20.37
C ALA C 78 24.72 16.91 -21.28
N LEU C 79 24.25 16.41 -22.44
CA LEU C 79 25.13 15.82 -23.44
C LEU C 79 25.66 16.96 -24.31
N GLY C 80 25.05 18.14 -24.14
CA GLY C 80 25.41 19.28 -24.95
C GLY C 80 24.32 20.33 -24.80
N PRO C 81 24.56 21.54 -25.31
CA PRO C 81 23.54 22.59 -25.34
C PRO C 81 22.19 22.12 -25.87
N GLY C 82 21.16 22.25 -25.04
CA GLY C 82 19.82 21.87 -25.45
C GLY C 82 19.56 20.35 -25.38
N ARG C 83 20.50 19.55 -24.86
CA ARG C 83 20.33 18.09 -24.83
C ARG C 83 20.41 17.66 -23.36
N GLU C 84 19.28 17.86 -22.65
CA GLU C 84 19.29 17.80 -21.19
C GLU C 84 18.59 16.54 -20.68
N TYR C 85 19.18 15.94 -19.65
CA TYR C 85 18.65 14.72 -19.04
C TYR C 85 18.60 14.80 -17.51
N ARG C 86 17.87 13.83 -16.92
CA ARG C 86 17.79 13.62 -15.49
C ARG C 86 18.11 12.16 -15.19
N ALA C 87 18.92 11.92 -14.15
CA ALA C 87 19.31 10.55 -13.80
C ALA C 87 18.18 9.83 -13.08
N LEU C 88 18.00 8.54 -13.40
CA LEU C 88 16.99 7.69 -12.78
C LEU C 88 17.60 6.66 -11.84
N GLN C 89 18.65 5.99 -12.32
CA GLN C 89 19.21 4.86 -11.61
C GLN C 89 20.60 4.58 -12.18
N LEU C 90 21.37 3.77 -11.43
CA LEU C 90 22.57 3.16 -11.99
C LEU C 90 22.54 1.68 -11.65
N HIS C 91 23.26 0.89 -12.47
CA HIS C 91 23.44 -0.53 -12.27
C HIS C 91 24.77 -1.01 -12.89
N LEU C 92 25.10 -2.29 -12.66
CA LEU C 92 26.42 -2.79 -12.99
C LEU C 92 26.29 -4.07 -13.82
N HIS C 93 27.27 -4.29 -14.69
CA HIS C 93 27.41 -5.56 -15.38
C HIS C 93 28.79 -6.11 -15.04
N TRP C 94 28.88 -7.43 -14.78
CA TRP C 94 30.13 -8.05 -14.33
C TRP C 94 30.24 -9.49 -14.81
N GLY C 95 31.42 -10.09 -14.59
CA GLY C 95 31.66 -11.44 -15.09
C GLY C 95 31.58 -12.51 -14.00
N ALA C 96 32.69 -13.24 -13.84
CA ALA C 96 32.91 -14.30 -12.86
C ALA C 96 34.42 -14.46 -12.65
N ALA C 97 34.82 -15.40 -11.79
CA ALA C 97 36.24 -15.52 -11.43
C ALA C 97 37.11 -15.62 -12.69
N GLY C 98 37.87 -14.55 -12.98
CA GLY C 98 38.77 -14.50 -14.13
C GLY C 98 38.08 -14.53 -15.50
N ARG C 99 36.81 -14.11 -15.59
CA ARG C 99 36.10 -13.93 -16.86
C ARG C 99 35.52 -12.51 -16.90
N PRO C 100 35.85 -11.69 -17.91
CA PRO C 100 35.40 -10.30 -17.91
C PRO C 100 33.90 -10.29 -18.21
N GLY C 101 33.21 -9.19 -17.88
CA GLY C 101 31.75 -9.15 -18.01
C GLY C 101 31.19 -7.79 -18.42
N SER C 102 32.03 -6.87 -18.93
CA SER C 102 31.52 -5.63 -19.50
C SER C 102 30.55 -5.95 -20.64
N GLU C 103 29.72 -4.99 -21.02
CA GLU C 103 28.74 -5.21 -22.08
C GLU C 103 29.33 -4.72 -23.42
N HIS C 104 29.85 -3.48 -23.40
CA HIS C 104 30.61 -2.94 -24.51
C HIS C 104 31.98 -3.62 -24.57
N THR C 105 32.52 -3.82 -25.79
CA THR C 105 33.89 -4.29 -25.96
C THR C 105 34.65 -3.27 -26.78
N VAL C 106 36.00 -3.24 -26.63
CA VAL C 106 36.87 -2.40 -27.44
C VAL C 106 37.83 -3.31 -28.24
N GLU C 107 37.73 -3.24 -29.58
CA GLU C 107 38.50 -4.10 -30.48
C GLU C 107 38.44 -5.52 -29.96
N GLY C 108 37.25 -5.91 -29.47
CA GLY C 108 36.97 -7.27 -29.08
C GLY C 108 37.35 -7.54 -27.63
N HIS C 109 38.10 -6.64 -27.00
CA HIS C 109 38.47 -6.79 -25.61
C HIS C 109 37.28 -6.44 -24.70
N ARG C 110 36.89 -7.41 -23.85
CA ARG C 110 35.89 -7.25 -22.79
C ARG C 110 36.59 -6.88 -21.49
N PHE C 111 36.01 -5.91 -20.77
CA PHE C 111 36.57 -5.44 -19.52
C PHE C 111 35.93 -6.20 -18.37
N PRO C 112 36.59 -6.25 -17.19
CA PRO C 112 36.01 -6.96 -16.04
C PRO C 112 34.54 -6.63 -15.74
N ALA C 113 34.19 -5.33 -15.74
CA ALA C 113 32.82 -4.94 -15.42
C ALA C 113 32.50 -3.59 -16.05
N GLU C 114 31.24 -3.12 -15.92
CA GLU C 114 30.82 -1.84 -16.51
C GLU C 114 29.70 -1.25 -15.63
N ILE C 115 29.72 0.08 -15.49
CA ILE C 115 28.66 0.81 -14.81
C ILE C 115 27.83 1.58 -15.83
N HIS C 116 26.51 1.48 -15.71
CA HIS C 116 25.57 2.26 -16.50
C HIS C 116 24.76 3.22 -15.62
N VAL C 117 24.79 4.51 -15.97
CA VAL C 117 23.88 5.50 -15.40
C VAL C 117 22.77 5.86 -16.40
N VAL C 118 21.53 5.45 -16.11
CA VAL C 118 20.39 5.65 -17.00
C VAL C 118 19.68 6.96 -16.69
N HIS C 119 19.44 7.73 -17.76
CA HIS C 119 18.87 9.06 -17.71
C HIS C 119 17.65 9.22 -18.62
N LEU C 120 16.69 10.07 -18.21
CA LEU C 120 15.48 10.39 -18.98
C LEU C 120 15.60 11.81 -19.52
N SER C 121 15.28 12.00 -20.78
CA SER C 121 15.26 13.33 -21.37
C SER C 121 14.25 14.20 -20.63
N THR C 122 14.60 15.48 -20.40
CA THR C 122 13.72 16.41 -19.70
C THR C 122 12.49 16.73 -20.52
N ALA C 123 12.44 16.34 -21.79
CA ALA C 123 11.26 16.56 -22.63
C ALA C 123 10.15 15.56 -22.33
N PHE C 124 10.48 14.50 -21.59
CA PHE C 124 9.49 13.48 -21.24
C PHE C 124 9.32 13.40 -19.71
N ALA C 125 8.07 13.29 -19.26
CA ALA C 125 7.74 13.18 -17.85
C ALA C 125 7.97 11.75 -17.37
N ARG C 126 7.71 10.75 -18.23
CA ARG C 126 7.83 9.35 -17.83
C ARG C 126 8.62 8.54 -18.86
N VAL C 127 9.26 7.48 -18.37
CA VAL C 127 10.00 6.55 -19.19
C VAL C 127 9.11 5.97 -20.31
N ASP C 128 7.88 5.60 -19.96
CA ASP C 128 6.91 5.03 -20.87
C ASP C 128 6.84 5.77 -22.20
N GLU C 129 6.77 7.10 -22.13
CA GLU C 129 6.66 7.99 -23.28
C GLU C 129 8.01 8.09 -24.01
N ALA C 130 9.12 7.86 -23.29
CA ALA C 130 10.44 8.09 -23.86
C ALA C 130 10.94 6.87 -24.63
N LEU C 131 10.48 5.67 -24.26
CA LEU C 131 10.96 4.43 -24.85
C LEU C 131 10.72 4.43 -26.35
N GLY C 132 11.74 4.09 -27.13
CA GLY C 132 11.58 4.02 -28.58
C GLY C 132 11.65 5.40 -29.25
N ARG C 133 11.74 6.48 -28.46
CA ARG C 133 11.70 7.83 -29.05
C ARG C 133 13.12 8.34 -29.19
N PRO C 134 13.44 9.14 -30.24
CA PRO C 134 14.81 9.58 -30.48
C PRO C 134 15.32 10.40 -29.31
N GLY C 135 16.39 9.91 -28.66
CA GLY C 135 17.06 10.62 -27.60
C GLY C 135 16.26 10.63 -26.29
N GLY C 136 15.23 9.77 -26.20
CA GLY C 136 14.33 9.80 -25.06
C GLY C 136 15.05 9.37 -23.79
N LEU C 137 15.94 8.39 -23.92
CA LEU C 137 16.81 7.92 -22.85
C LEU C 137 18.27 8.10 -23.25
N ALA C 138 19.13 8.29 -22.25
CA ALA C 138 20.56 8.36 -22.44
C ALA C 138 21.25 7.61 -21.30
N VAL C 139 22.22 6.77 -21.67
CA VAL C 139 22.98 5.99 -20.70
C VAL C 139 24.44 6.44 -20.70
N LEU C 140 24.99 6.69 -19.50
CA LEU C 140 26.42 6.96 -19.36
C LEU C 140 27.09 5.65 -18.93
N ALA C 141 28.15 5.25 -19.66
CA ALA C 141 28.77 3.96 -19.45
C ALA C 141 30.27 4.12 -19.25
N ALA C 142 30.81 3.35 -18.30
CA ALA C 142 32.23 3.37 -18.02
C ALA C 142 32.70 1.95 -17.70
N PHE C 143 33.88 1.62 -18.19
CA PHE C 143 34.46 0.32 -17.93
C PHE C 143 35.07 0.35 -16.53
N LEU C 144 34.99 -0.79 -15.84
CA LEU C 144 35.73 -0.99 -14.62
C LEU C 144 36.85 -1.98 -14.90
N GLU C 145 38.06 -1.64 -14.47
CA GLU C 145 39.25 -2.46 -14.65
C GLU C 145 39.92 -2.72 -13.31
N GLU C 146 40.76 -3.75 -13.30
CA GLU C 146 41.55 -4.11 -12.13
C GLU C 146 42.67 -3.09 -11.98
N GLY C 147 42.83 -2.58 -10.75
CA GLY C 147 43.94 -1.71 -10.36
C GLY C 147 44.50 -2.10 -8.99
N PRO C 148 45.58 -1.44 -8.52
CA PRO C 148 46.25 -1.82 -7.28
C PRO C 148 45.62 -1.27 -6.00
N GLU C 149 44.82 -0.19 -6.11
CA GLU C 149 44.19 0.42 -4.94
C GLU C 149 42.70 0.07 -4.85
N GLU C 150 42.19 0.13 -3.60
CA GLU C 150 40.78 0.06 -3.31
C GLU C 150 40.14 1.38 -3.74
N ASN C 151 39.06 1.30 -4.55
CA ASN C 151 38.27 2.47 -4.89
C ASN C 151 37.27 2.69 -3.75
N SER C 152 37.44 3.78 -3.00
CA SER C 152 36.65 4.04 -1.82
C SER C 152 35.22 4.47 -2.19
N ALA C 153 35.03 5.20 -3.30
CA ALA C 153 33.69 5.50 -3.78
C ALA C 153 32.89 4.21 -4.00
N TYR C 154 33.54 3.19 -4.60
CA TYR C 154 32.86 1.93 -4.91
C TYR C 154 32.68 1.10 -3.62
N GLU C 155 33.57 1.27 -2.65
CA GLU C 155 33.53 0.49 -1.42
C GLU C 155 32.23 0.73 -0.64
N GLN C 156 31.73 1.98 -0.66
CA GLN C 156 30.42 2.32 -0.10
C GLN C 156 29.29 1.45 -0.66
N LEU C 157 29.33 1.09 -1.95
CA LEU C 157 28.28 0.22 -2.46
C LEU C 157 28.67 -1.25 -2.24
N LEU C 158 29.93 -1.60 -2.48
CA LEU C 158 30.30 -3.02 -2.47
C LEU C 158 30.22 -3.61 -1.06
N SER C 159 30.47 -2.80 -0.02
CA SER C 159 30.37 -3.27 1.37
C SER C 159 28.95 -3.69 1.76
N ARG C 160 27.94 -3.29 0.95
CA ARG C 160 26.54 -3.52 1.25
C ARG C 160 25.95 -4.68 0.45
N LEU C 161 26.74 -5.24 -0.50
CA LEU C 161 26.21 -6.27 -1.36
C LEU C 161 25.79 -7.51 -0.59
N GLU C 162 26.53 -7.89 0.46
CA GLU C 162 26.21 -9.08 1.24
C GLU C 162 24.79 -9.05 1.81
N GLU C 163 24.29 -7.88 2.19
CA GLU C 163 22.93 -7.75 2.68
C GLU C 163 21.88 -8.04 1.62
N ILE C 164 22.23 -7.92 0.33
CA ILE C 164 21.22 -8.08 -0.70
C ILE C 164 21.58 -9.27 -1.59
N ALA C 165 22.18 -10.30 -0.96
CA ALA C 165 22.62 -11.49 -1.68
C ALA C 165 21.41 -12.20 -2.27
N GLU C 166 20.31 -12.23 -1.53
CA GLU C 166 19.14 -12.94 -2.00
C GLU C 166 18.56 -12.19 -3.20
N GLU C 167 18.15 -12.92 -4.22
CA GLU C 167 17.50 -12.28 -5.35
C GLU C 167 16.23 -11.56 -4.90
N GLY C 168 16.00 -10.35 -5.45
CA GLY C 168 14.80 -9.56 -5.16
C GLY C 168 14.84 -8.86 -3.79
N SER C 169 16.03 -8.77 -3.18
CA SER C 169 16.21 -8.14 -1.88
C SER C 169 16.81 -6.75 -2.07
N GLU C 170 16.59 -5.87 -1.08
CA GLU C 170 17.05 -4.49 -1.16
C GLU C 170 17.44 -3.98 0.23
N THR C 171 18.18 -2.88 0.25
CA THR C 171 18.59 -2.26 1.49
C THR C 171 18.74 -0.76 1.24
N GLN C 172 18.65 0.02 2.31
CA GLN C 172 18.82 1.48 2.22
C GLN C 172 20.29 1.79 2.48
N VAL C 173 20.90 2.68 1.67
CA VAL C 173 22.30 3.03 1.80
C VAL C 173 22.41 4.56 1.80
N PRO C 174 23.41 5.15 2.48
CA PRO C 174 23.65 6.58 2.44
C PRO C 174 23.86 7.12 1.03
N GLY C 175 23.31 8.31 0.77
CA GLY C 175 23.73 9.13 -0.35
C GLY C 175 25.26 9.22 -0.40
N LEU C 176 25.78 9.37 -1.63
CA LEU C 176 27.20 9.46 -1.92
C LEU C 176 27.37 10.28 -3.20
N ASP C 177 28.64 10.57 -3.50
CA ASP C 177 29.01 11.27 -4.72
C ASP C 177 28.92 10.31 -5.91
N ILE C 178 27.85 10.45 -6.71
CA ILE C 178 27.57 9.48 -7.75
C ILE C 178 28.62 9.66 -8.84
N SER C 179 29.04 10.91 -9.04
CA SER C 179 30.02 11.20 -10.08
C SER C 179 31.37 10.56 -9.74
N ALA C 180 31.58 10.17 -8.50
CA ALA C 180 32.87 9.62 -8.14
C ALA C 180 32.90 8.12 -8.46
N LEU C 181 31.79 7.58 -9.01
CA LEU C 181 31.74 6.21 -9.50
C LEU C 181 32.12 6.14 -10.98
N LEU C 182 32.32 7.32 -11.58
CA LEU C 182 32.58 7.56 -13.00
C LEU C 182 33.99 8.11 -13.16
N PRO C 183 34.55 8.10 -14.39
CA PRO C 183 35.89 8.64 -14.60
C PRO C 183 35.86 10.15 -14.41
N SER C 184 37.04 10.73 -14.14
CA SER C 184 37.23 12.16 -14.00
C SER C 184 37.25 12.91 -15.33
N ASP C 185 37.65 12.25 -16.44
CA ASP C 185 37.66 12.88 -17.75
C ASP C 185 36.28 12.77 -18.42
N PHE C 186 35.55 13.89 -18.48
CA PHE C 186 34.22 13.93 -19.07
C PHE C 186 34.32 14.43 -20.50
N SER C 187 35.54 14.41 -21.07
CA SER C 187 35.87 15.05 -22.34
C SER C 187 36.02 14.04 -23.46
N ARG C 188 36.46 12.83 -23.10
CA ARG C 188 36.88 11.84 -24.07
C ARG C 188 35.88 10.68 -24.01
N TYR C 189 35.07 10.58 -25.05
CA TYR C 189 34.09 9.52 -25.08
C TYR C 189 33.73 9.18 -26.52
N PHE C 190 33.15 7.97 -26.63
CA PHE C 190 32.42 7.53 -27.80
C PHE C 190 30.94 7.81 -27.54
N GLN C 191 30.19 8.03 -28.63
CA GLN C 191 28.74 8.15 -28.53
C GLN C 191 28.08 7.51 -29.75
N TYR C 192 27.00 6.76 -29.52
CA TYR C 192 26.25 6.16 -30.60
C TYR C 192 24.82 5.96 -30.14
N GLU C 193 23.96 5.67 -31.10
CA GLU C 193 22.55 5.49 -30.85
C GLU C 193 22.24 3.99 -30.86
N GLY C 194 21.55 3.53 -29.81
CA GLY C 194 21.38 2.09 -29.59
C GLY C 194 20.05 1.77 -28.90
N SER C 195 20.11 0.73 -28.08
CA SER C 195 18.95 0.23 -27.38
C SER C 195 19.24 0.02 -25.90
N LEU C 196 18.17 -0.28 -25.16
CA LEU C 196 18.35 -0.93 -23.86
C LEU C 196 18.87 -2.34 -24.11
N THR C 197 19.66 -2.88 -23.19
CA THR C 197 20.21 -4.21 -23.33
C THR C 197 19.43 -5.19 -22.47
N THR C 198 18.28 -4.76 -21.94
CA THR C 198 17.36 -5.63 -21.25
C THR C 198 15.97 -5.40 -21.86
N PRO C 199 15.05 -6.37 -21.83
CA PRO C 199 13.72 -6.15 -22.39
C PRO C 199 13.06 -4.94 -21.73
N PRO C 200 12.34 -4.06 -22.45
CA PRO C 200 11.98 -4.31 -23.86
C PRO C 200 12.96 -4.00 -24.99
N CYS C 201 14.23 -3.76 -24.68
CA CYS C 201 15.27 -3.53 -25.70
C CYS C 201 14.90 -2.37 -26.63
N ALA C 202 14.29 -1.31 -26.10
CA ALA C 202 13.79 -0.23 -26.92
C ALA C 202 14.94 0.58 -27.51
N GLN C 203 14.74 1.09 -28.73
CA GLN C 203 15.76 1.85 -29.46
C GLN C 203 15.61 3.34 -29.15
N GLY C 204 16.47 4.19 -29.74
CA GLY C 204 16.43 5.64 -29.56
C GLY C 204 17.29 6.10 -28.37
N VAL C 205 18.04 5.16 -27.78
CA VAL C 205 18.83 5.38 -26.60
C VAL C 205 20.19 5.93 -27.02
N ILE C 206 20.58 7.06 -26.46
CA ILE C 206 21.90 7.58 -26.70
C ILE C 206 22.88 7.03 -25.67
N TRP C 207 23.84 6.24 -26.16
CA TRP C 207 24.92 5.72 -25.35
C TRP C 207 26.19 6.57 -25.42
N THR C 208 26.67 6.97 -24.24
CA THR C 208 27.95 7.62 -24.11
C THR C 208 28.90 6.71 -23.35
N VAL C 209 30.02 6.33 -24.01
CA VAL C 209 30.99 5.39 -23.44
C VAL C 209 32.29 6.14 -23.26
N PHE C 210 32.70 6.26 -21.98
CA PHE C 210 33.91 6.98 -21.61
C PHE C 210 35.14 6.25 -22.12
N GLN C 211 36.16 7.01 -22.52
CA GLN C 211 37.44 6.41 -22.85
C GLN C 211 38.24 6.04 -21.59
N GLN C 212 38.30 6.96 -20.61
CA GLN C 212 38.99 6.63 -19.38
C GLN C 212 38.15 5.60 -18.63
N THR C 213 38.85 4.67 -17.95
CA THR C 213 38.22 3.63 -17.17
C THR C 213 38.33 3.98 -15.69
N VAL C 214 37.69 3.16 -14.87
CA VAL C 214 37.67 3.33 -13.43
C VAL C 214 38.34 2.10 -12.83
N MET C 215 39.21 2.32 -11.84
CA MET C 215 40.03 1.25 -11.26
C MET C 215 39.37 0.69 -10.01
N LEU C 216 39.12 -0.61 -9.98
CA LEU C 216 38.73 -1.29 -8.76
C LEU C 216 39.83 -2.29 -8.42
N SER C 217 39.95 -2.62 -7.13
CA SER C 217 40.88 -3.65 -6.68
C SER C 217 40.30 -5.01 -7.02
N ALA C 218 41.19 -6.01 -7.00
CA ALA C 218 40.81 -7.36 -7.37
C ALA C 218 39.79 -7.88 -6.37
N LYS C 219 39.98 -7.52 -5.09
CA LYS C 219 39.05 -7.90 -4.03
C LYS C 219 37.64 -7.34 -4.34
N GLN C 220 37.57 -6.05 -4.66
CA GLN C 220 36.33 -5.36 -5.03
C GLN C 220 35.67 -6.04 -6.23
N LEU C 221 36.47 -6.40 -7.26
CA LEU C 221 35.90 -7.04 -8.44
C LEU C 221 35.30 -8.39 -8.07
N HIS C 222 35.96 -9.07 -7.12
CA HIS C 222 35.52 -10.39 -6.68
C HIS C 222 34.26 -10.23 -5.81
N THR C 223 34.22 -9.15 -5.01
CA THR C 223 33.03 -8.91 -4.21
C THR C 223 31.85 -8.70 -5.15
N LEU C 224 32.02 -7.90 -6.22
CA LEU C 224 30.93 -7.62 -7.16
C LEU C 224 30.40 -8.89 -7.79
N SER C 225 31.31 -9.79 -8.17
CA SER C 225 30.95 -10.92 -9.03
C SER C 225 30.57 -12.17 -8.24
N ASP C 226 30.85 -12.17 -6.93
CA ASP C 226 30.74 -13.39 -6.15
C ASP C 226 29.75 -13.27 -4.98
N THR C 227 29.15 -12.09 -4.72
CA THR C 227 28.27 -11.96 -3.54
C THR C 227 26.81 -12.28 -3.89
N LEU C 228 26.31 -11.88 -5.08
CA LEU C 228 24.87 -11.88 -5.29
C LEU C 228 24.39 -13.18 -5.95
N TRP C 229 23.13 -13.51 -5.64
CA TRP C 229 22.45 -14.68 -6.18
C TRP C 229 21.31 -14.24 -7.11
N GLY C 230 20.96 -15.13 -8.05
CA GLY C 230 20.07 -14.81 -9.14
C GLY C 230 18.89 -15.77 -9.22
N PRO C 231 18.19 -15.84 -10.38
CA PRO C 231 16.85 -16.46 -10.45
C PRO C 231 16.73 -17.90 -9.99
N GLY C 232 17.62 -18.78 -10.48
CA GLY C 232 17.62 -20.17 -10.07
C GLY C 232 18.16 -20.29 -8.65
N ASP C 233 18.86 -21.38 -8.36
CA ASP C 233 19.79 -21.38 -7.25
C ASP C 233 21.15 -20.96 -7.81
N SER C 234 21.16 -20.09 -8.84
CA SER C 234 22.38 -19.71 -9.55
C SER C 234 22.96 -18.41 -8.98
N ARG C 235 24.29 -18.27 -9.04
CA ARG C 235 24.95 -17.01 -8.78
C ARG C 235 24.60 -15.96 -9.84
N LEU C 236 24.68 -14.67 -9.45
CA LEU C 236 24.43 -13.58 -10.37
C LEU C 236 25.79 -13.17 -10.93
N GLN C 237 26.04 -13.67 -12.15
CA GLN C 237 27.32 -13.53 -12.82
C GLN C 237 27.14 -13.49 -14.33
N LEU C 238 28.10 -12.89 -15.03
CA LEU C 238 28.06 -12.90 -16.50
C LEU C 238 26.73 -12.30 -16.96
N ASN C 239 26.37 -11.16 -16.37
CA ASN C 239 25.09 -10.51 -16.61
C ASN C 239 25.24 -9.44 -17.69
N PHE C 240 25.82 -9.85 -18.83
CA PHE C 240 26.01 -8.98 -19.98
C PHE C 240 25.31 -9.59 -21.19
N ARG C 241 24.82 -8.72 -22.08
CA ARG C 241 24.25 -9.19 -23.32
C ARG C 241 25.37 -9.27 -24.36
N ALA C 242 25.25 -10.19 -25.32
CA ALA C 242 26.24 -10.33 -26.38
C ALA C 242 26.27 -9.07 -27.25
N THR C 243 27.45 -8.74 -27.78
CA THR C 243 27.60 -7.57 -28.63
C THR C 243 26.73 -7.76 -29.87
N GLN C 244 26.21 -6.64 -30.35
CA GLN C 244 25.27 -6.61 -31.45
C GLN C 244 25.93 -5.82 -32.57
N PRO C 245 25.61 -6.16 -33.85
CA PRO C 245 26.24 -5.47 -34.98
C PRO C 245 25.82 -4.01 -35.08
N LEU C 246 26.76 -3.15 -35.47
CA LEU C 246 26.43 -1.77 -35.75
C LEU C 246 25.40 -1.62 -36.86
N ASN C 247 25.40 -2.57 -37.80
CA ASN C 247 24.49 -2.54 -38.94
C ASN C 247 24.48 -1.18 -39.63
N GLY C 248 25.67 -0.59 -39.77
CA GLY C 248 25.82 0.63 -40.53
C GLY C 248 25.81 1.91 -39.69
N ARG C 249 25.52 1.79 -38.39
CA ARG C 249 25.65 2.94 -37.51
C ARG C 249 27.13 3.34 -37.44
N VAL C 250 27.41 4.62 -37.34
CA VAL C 250 28.76 5.07 -37.05
C VAL C 250 28.88 5.58 -35.62
N ILE C 251 29.87 5.07 -34.87
CA ILE C 251 30.20 5.54 -33.54
C ILE C 251 30.99 6.83 -33.65
N GLU C 252 30.51 7.89 -32.98
CA GLU C 252 31.25 9.14 -32.89
C GLU C 252 32.23 9.09 -31.73
N ALA C 253 33.32 9.88 -31.85
CA ALA C 253 34.34 10.07 -30.84
C ALA C 253 34.50 11.57 -30.60
N SER C 254 34.67 11.96 -29.33
CA SER C 254 34.76 13.37 -29.00
C SER C 254 36.21 13.82 -29.13
N PHE C 255 37.10 12.92 -29.53
CA PHE C 255 38.52 13.23 -29.65
C PHE C 255 39.12 12.61 -30.92
N PRO C 256 40.20 13.23 -31.46
CA PRO C 256 40.86 12.71 -32.67
C PRO C 256 41.70 11.46 -32.45
N VAL D 17 -36.10 -37.01 4.59
CA VAL D 17 -35.92 -35.66 5.20
C VAL D 17 -35.08 -35.83 6.47
N SER D 18 -33.84 -35.32 6.45
CA SER D 18 -33.00 -35.26 7.63
C SER D 18 -33.81 -34.89 8.87
N PRO D 19 -33.99 -35.82 9.84
CA PRO D 19 -34.64 -35.49 11.12
C PRO D 19 -34.10 -34.25 11.83
N ALA D 20 -32.82 -33.94 11.59
CA ALA D 20 -32.19 -32.75 12.12
C ALA D 20 -32.94 -31.49 11.69
N CYS D 21 -33.44 -31.51 10.43
CA CYS D 21 -34.16 -30.36 9.89
C CYS D 21 -35.47 -30.08 10.61
N ALA D 22 -35.84 -30.91 11.61
CA ALA D 22 -37.06 -30.74 12.38
C ALA D 22 -36.72 -30.43 13.83
N GLY D 23 -35.49 -30.00 14.07
CA GLY D 23 -35.09 -29.52 15.39
C GLY D 23 -35.93 -28.33 15.86
N ARG D 24 -35.74 -28.00 17.14
CA ARG D 24 -36.50 -26.95 17.79
C ARG D 24 -35.93 -25.55 17.47
N PHE D 25 -34.72 -25.45 16.89
CA PHE D 25 -34.03 -24.16 16.82
C PHE D 25 -33.43 -23.99 15.43
N GLN D 26 -34.30 -23.90 14.44
CA GLN D 26 -33.87 -23.88 13.06
C GLN D 26 -33.82 -22.43 12.55
N SER D 27 -33.21 -22.29 11.39
CA SER D 27 -33.07 -21.05 10.63
C SER D 27 -33.65 -21.30 9.25
N PRO D 28 -34.11 -20.28 8.48
CA PRO D 28 -34.10 -18.87 8.88
C PRO D 28 -35.28 -18.55 9.75
N VAL D 29 -35.34 -17.30 10.22
CA VAL D 29 -36.39 -16.85 11.12
C VAL D 29 -36.94 -15.52 10.63
N ASP D 30 -38.12 -15.17 11.14
CA ASP D 30 -38.71 -13.88 10.87
C ASP D 30 -38.23 -12.91 11.93
N ILE D 31 -37.61 -11.81 11.52
CA ILE D 31 -37.10 -10.84 12.49
C ILE D 31 -38.16 -9.76 12.69
N ARG D 32 -38.48 -9.51 13.97
CA ARG D 32 -39.44 -8.51 14.40
C ARG D 32 -38.66 -7.52 15.24
N PRO D 33 -38.13 -6.43 14.63
CA PRO D 33 -37.24 -5.51 15.34
C PRO D 33 -37.72 -5.00 16.71
N GLN D 34 -39.03 -4.90 16.90
CA GLN D 34 -39.59 -4.35 18.14
C GLN D 34 -39.61 -5.39 19.25
N LEU D 35 -39.53 -6.68 18.90
CA LEU D 35 -39.40 -7.72 19.91
C LEU D 35 -37.95 -8.15 20.07
N ALA D 36 -37.04 -7.54 19.31
CA ALA D 36 -35.63 -7.84 19.48
C ALA D 36 -35.14 -7.23 20.79
N ALA D 37 -34.20 -7.89 21.47
CA ALA D 37 -33.64 -7.36 22.69
C ALA D 37 -32.31 -6.66 22.39
N PHE D 38 -32.23 -5.39 22.78
CA PHE D 38 -31.00 -4.62 22.68
C PHE D 38 -30.03 -5.14 23.73
N SER D 39 -28.85 -5.54 23.26
CA SER D 39 -27.77 -6.03 24.11
C SER D 39 -26.55 -5.18 23.85
N PRO D 40 -26.22 -4.22 24.73
CA PRO D 40 -25.09 -3.31 24.54
C PRO D 40 -23.72 -3.99 24.47
N ALA D 41 -23.68 -5.29 24.82
CA ALA D 41 -22.45 -6.05 24.82
C ALA D 41 -22.07 -6.48 23.41
N LEU D 42 -23.02 -6.44 22.46
CA LEU D 42 -22.74 -6.75 21.07
C LEU D 42 -21.95 -5.60 20.46
N ARG D 43 -20.69 -5.86 20.08
CA ARG D 43 -19.75 -4.85 19.63
C ARG D 43 -19.62 -4.93 18.11
N PRO D 44 -18.96 -3.95 17.46
CA PRO D 44 -18.80 -4.04 16.01
C PRO D 44 -18.07 -5.31 15.58
N LEU D 45 -18.58 -5.92 14.52
CA LEU D 45 -17.92 -7.06 13.89
C LEU D 45 -16.51 -6.64 13.45
N GLU D 46 -15.53 -7.55 13.57
CA GLU D 46 -14.18 -7.31 13.08
C GLU D 46 -13.89 -8.32 11.97
N LEU D 47 -13.47 -7.83 10.79
CA LEU D 47 -13.17 -8.68 9.65
C LEU D 47 -11.83 -8.24 9.06
N LEU D 48 -10.79 -9.06 9.30
CA LEU D 48 -9.45 -8.86 8.77
C LEU D 48 -9.13 -9.93 7.73
N GLY D 49 -8.33 -9.52 6.73
CA GLY D 49 -7.78 -10.39 5.71
C GLY D 49 -8.75 -10.63 4.55
N PHE D 50 -9.85 -9.88 4.51
CA PHE D 50 -10.88 -10.09 3.51
C PHE D 50 -10.54 -9.39 2.18
N GLN D 51 -9.51 -8.54 2.17
CA GLN D 51 -9.20 -7.82 0.94
C GLN D 51 -8.23 -8.64 0.09
N LEU D 52 -8.75 -9.56 -0.74
CA LEU D 52 -7.90 -10.55 -1.38
C LEU D 52 -7.19 -9.93 -2.61
N PRO D 53 -5.94 -10.30 -2.87
CA PRO D 53 -5.29 -9.93 -4.12
C PRO D 53 -5.92 -10.66 -5.30
N PRO D 54 -5.60 -10.28 -6.54
CA PRO D 54 -6.20 -10.95 -7.70
C PRO D 54 -5.83 -12.43 -7.86
N LEU D 55 -4.64 -12.83 -7.34
CA LEU D 55 -4.16 -14.20 -7.38
C LEU D 55 -3.73 -14.63 -5.98
N PRO D 56 -4.02 -15.87 -5.54
CA PRO D 56 -4.61 -16.93 -6.40
C PRO D 56 -6.09 -16.73 -6.70
N GLU D 57 -6.57 -17.37 -7.78
CA GLU D 57 -7.98 -17.33 -8.15
C GLU D 57 -8.82 -18.20 -7.21
N LEU D 58 -10.12 -17.95 -7.20
CA LEU D 58 -11.04 -18.61 -6.30
C LEU D 58 -12.06 -19.41 -7.11
N ARG D 59 -12.46 -20.54 -6.54
CA ARG D 59 -13.39 -21.44 -7.19
C ARG D 59 -14.81 -20.92 -6.98
N LEU D 60 -15.46 -20.59 -8.10
CA LEU D 60 -16.89 -20.27 -8.10
C LEU D 60 -17.65 -21.43 -8.74
N ARG D 61 -18.73 -21.91 -8.10
CA ARG D 61 -19.32 -23.19 -8.45
C ARG D 61 -20.84 -23.17 -8.35
N ASN D 62 -21.49 -23.71 -9.38
CA ASN D 62 -22.93 -23.98 -9.33
C ASN D 62 -23.12 -25.37 -8.73
N ASN D 63 -23.72 -25.45 -7.53
CA ASN D 63 -23.80 -26.73 -6.82
C ASN D 63 -25.21 -27.32 -6.94
N GLY D 64 -26.11 -26.59 -7.60
CA GLY D 64 -27.44 -27.09 -7.82
C GLY D 64 -28.46 -26.42 -6.91
N HIS D 65 -28.06 -26.05 -5.69
CA HIS D 65 -28.99 -25.31 -4.83
C HIS D 65 -28.52 -23.86 -4.58
N SER D 66 -27.32 -23.49 -5.06
CA SER D 66 -26.83 -22.11 -5.01
C SER D 66 -25.57 -21.98 -5.86
N VAL D 67 -25.05 -20.74 -5.96
CA VAL D 67 -23.69 -20.48 -6.40
C VAL D 67 -22.84 -20.23 -5.16
N GLN D 68 -21.64 -20.82 -5.17
CA GLN D 68 -20.80 -20.87 -3.99
C GLN D 68 -19.40 -20.41 -4.38
N LEU D 69 -18.82 -19.54 -3.54
CA LEU D 69 -17.44 -19.12 -3.69
C LEU D 69 -16.64 -19.67 -2.52
N THR D 70 -15.59 -20.42 -2.84
CA THR D 70 -14.70 -20.94 -1.83
C THR D 70 -13.69 -19.86 -1.48
N LEU D 71 -13.49 -19.66 -0.17
CA LEU D 71 -12.59 -18.63 0.32
C LEU D 71 -11.28 -19.26 0.81
N PRO D 72 -10.13 -18.57 0.63
CA PRO D 72 -8.85 -19.07 1.07
C PRO D 72 -8.64 -18.94 2.58
N PRO D 73 -7.56 -19.53 3.12
CA PRO D 73 -7.20 -19.32 4.52
C PRO D 73 -6.90 -17.83 4.76
N GLY D 74 -7.13 -17.36 5.99
CA GLY D 74 -6.65 -16.05 6.39
C GLY D 74 -7.74 -15.00 6.48
N LEU D 75 -9.03 -15.37 6.28
CA LEU D 75 -10.08 -14.42 6.53
C LEU D 75 -10.56 -14.63 7.97
N GLU D 76 -10.17 -13.71 8.87
CA GLU D 76 -10.46 -13.81 10.29
C GLU D 76 -11.59 -12.85 10.64
N MET D 77 -12.49 -13.32 11.52
CA MET D 77 -13.68 -12.60 11.93
C MET D 77 -13.89 -12.78 13.43
N ALA D 78 -14.37 -11.73 14.11
CA ALA D 78 -14.67 -11.78 15.52
C ALA D 78 -16.07 -11.26 15.77
N LEU D 79 -16.85 -12.05 16.53
CA LEU D 79 -18.17 -11.65 17.03
C LEU D 79 -18.04 -10.93 18.37
N GLY D 80 -16.86 -11.04 18.99
CA GLY D 80 -16.64 -10.54 20.33
C GLY D 80 -15.24 -10.89 20.78
N PRO D 81 -14.78 -10.37 21.94
CA PRO D 81 -13.43 -10.67 22.43
C PRO D 81 -13.15 -12.15 22.67
N GLY D 82 -12.19 -12.69 21.91
CA GLY D 82 -11.84 -14.10 22.01
C GLY D 82 -12.84 -15.04 21.34
N ARG D 83 -13.84 -14.49 20.62
CA ARG D 83 -14.86 -15.25 19.92
C ARG D 83 -14.57 -15.12 18.42
N GLU D 84 -13.57 -15.89 17.98
CA GLU D 84 -13.00 -15.70 16.68
C GLU D 84 -13.35 -16.87 15.77
N TYR D 85 -13.28 -16.55 14.46
CA TYR D 85 -13.78 -17.34 13.34
C TYR D 85 -12.90 -17.13 12.11
N ARG D 86 -12.86 -18.14 11.23
CA ARG D 86 -12.26 -18.03 9.90
C ARG D 86 -13.31 -18.31 8.83
N ALA D 87 -13.28 -17.55 7.74
CA ALA D 87 -14.32 -17.65 6.72
C ALA D 87 -14.02 -18.86 5.84
N LEU D 88 -15.07 -19.59 5.42
CA LEU D 88 -14.94 -20.79 4.61
C LEU D 88 -15.35 -20.56 3.16
N GLN D 89 -16.44 -19.82 2.98
CA GLN D 89 -17.23 -19.94 1.77
C GLN D 89 -18.29 -18.85 1.81
N LEU D 90 -18.82 -18.47 0.67
CA LEU D 90 -20.06 -17.73 0.65
C LEU D 90 -20.95 -18.24 -0.46
N HIS D 91 -22.23 -17.92 -0.34
CA HIS D 91 -23.21 -18.33 -1.33
C HIS D 91 -24.39 -17.36 -1.23
N LEU D 92 -25.36 -17.49 -2.15
CA LEU D 92 -26.51 -16.61 -2.22
C LEU D 92 -27.83 -17.38 -2.27
N HIS D 93 -28.88 -16.72 -1.78
CA HIS D 93 -30.27 -17.14 -1.93
C HIS D 93 -31.03 -16.02 -2.64
N TRP D 94 -31.99 -16.39 -3.49
CA TRP D 94 -32.66 -15.44 -4.35
C TRP D 94 -33.97 -16.00 -4.90
N GLY D 95 -34.79 -15.15 -5.53
CA GLY D 95 -36.13 -15.52 -5.91
C GLY D 95 -36.24 -15.86 -7.41
N ALA D 96 -37.22 -15.22 -8.08
CA ALA D 96 -37.36 -15.30 -9.53
C ALA D 96 -38.05 -14.03 -10.05
N ALA D 97 -38.16 -13.94 -11.38
CA ALA D 97 -38.69 -12.75 -12.04
C ALA D 97 -39.84 -12.18 -11.19
N GLY D 98 -39.58 -11.04 -10.54
CA GLY D 98 -40.59 -10.34 -9.77
C GLY D 98 -41.06 -11.10 -8.53
N ARG D 99 -40.19 -11.95 -7.94
CA ARG D 99 -40.51 -12.54 -6.65
C ARG D 99 -39.26 -12.62 -5.77
N PRO D 100 -39.32 -12.08 -4.53
CA PRO D 100 -38.16 -12.09 -3.64
C PRO D 100 -37.79 -13.50 -3.17
N GLY D 101 -36.52 -13.69 -2.79
CA GLY D 101 -36.00 -14.99 -2.39
C GLY D 101 -34.99 -14.94 -1.24
N SER D 102 -35.09 -13.94 -0.36
CA SER D 102 -34.26 -13.90 0.83
C SER D 102 -34.72 -14.99 1.78
N GLU D 103 -33.87 -15.37 2.74
CA GLU D 103 -34.19 -16.44 3.66
C GLU D 103 -34.78 -15.86 4.93
N HIS D 104 -34.04 -14.99 5.61
CA HIS D 104 -34.62 -14.21 6.68
C HIS D 104 -35.64 -13.24 6.07
N THR D 105 -36.57 -12.81 6.92
CA THR D 105 -37.62 -11.87 6.60
C THR D 105 -37.65 -10.92 7.78
N VAL D 106 -38.13 -9.69 7.55
CA VAL D 106 -38.31 -8.71 8.62
C VAL D 106 -39.79 -8.30 8.62
N GLU D 107 -40.44 -8.36 9.80
CA GLU D 107 -41.85 -8.08 9.99
C GLU D 107 -42.69 -8.66 8.86
N GLY D 108 -42.31 -9.85 8.35
CA GLY D 108 -43.00 -10.48 7.23
C GLY D 108 -42.37 -10.17 5.87
N HIS D 109 -41.66 -9.04 5.73
CA HIS D 109 -41.14 -8.67 4.43
C HIS D 109 -39.98 -9.57 4.02
N ARG D 110 -40.07 -10.15 2.82
CA ARG D 110 -38.98 -10.84 2.17
C ARG D 110 -38.30 -9.93 1.15
N PHE D 111 -36.95 -9.90 1.19
CA PHE D 111 -36.12 -9.07 0.34
C PHE D 111 -35.74 -9.81 -0.93
N PRO D 112 -35.36 -9.09 -2.00
CA PRO D 112 -34.99 -9.74 -3.26
C PRO D 112 -34.03 -10.92 -3.13
N ALA D 113 -32.92 -10.75 -2.40
CA ALA D 113 -31.92 -11.80 -2.25
C ALA D 113 -31.18 -11.66 -0.92
N GLU D 114 -30.18 -12.55 -0.69
CA GLU D 114 -29.49 -12.63 0.60
C GLU D 114 -28.14 -13.28 0.39
N ILE D 115 -27.11 -12.68 0.99
CA ILE D 115 -25.78 -13.26 0.94
C ILE D 115 -25.41 -13.85 2.29
N HIS D 116 -24.73 -15.02 2.27
CA HIS D 116 -24.35 -15.77 3.44
C HIS D 116 -22.85 -16.02 3.38
N VAL D 117 -22.14 -15.59 4.44
CA VAL D 117 -20.72 -15.86 4.57
C VAL D 117 -20.52 -16.78 5.77
N VAL D 118 -20.09 -18.01 5.49
CA VAL D 118 -20.10 -19.08 6.47
C VAL D 118 -18.70 -19.19 7.06
N HIS D 119 -18.61 -19.16 8.41
CA HIS D 119 -17.34 -19.24 9.12
C HIS D 119 -17.24 -20.43 10.11
N LEU D 120 -15.99 -20.86 10.38
CA LEU D 120 -15.66 -21.85 11.38
C LEU D 120 -14.98 -21.20 12.58
N SER D 121 -15.50 -21.51 13.78
CA SER D 121 -14.81 -21.16 15.01
C SER D 121 -13.38 -21.70 15.02
N THR D 122 -12.44 -20.85 15.41
CA THR D 122 -11.02 -21.17 15.41
C THR D 122 -10.69 -22.01 16.63
N ALA D 123 -11.66 -22.21 17.54
CA ALA D 123 -11.54 -23.22 18.57
C ALA D 123 -11.64 -24.65 18.02
N PHE D 124 -12.07 -24.82 16.76
CA PHE D 124 -12.16 -26.13 16.13
C PHE D 124 -11.28 -26.21 14.88
N ALA D 125 -10.42 -27.22 14.77
CA ALA D 125 -9.56 -27.39 13.61
C ALA D 125 -10.37 -27.73 12.36
N ARG D 126 -11.48 -28.46 12.50
CA ARG D 126 -12.20 -28.94 11.33
C ARG D 126 -13.69 -28.61 11.45
N VAL D 127 -14.32 -28.46 10.30
CA VAL D 127 -15.75 -28.16 10.24
C VAL D 127 -16.57 -29.24 10.92
N ASP D 128 -16.22 -30.52 10.70
CA ASP D 128 -17.07 -31.63 11.16
C ASP D 128 -17.12 -31.74 12.69
N GLU D 129 -16.05 -31.31 13.36
CA GLU D 129 -16.02 -31.14 14.80
C GLU D 129 -16.97 -30.04 15.28
N ALA D 130 -17.18 -29.01 14.47
CA ALA D 130 -17.94 -27.83 14.88
C ALA D 130 -19.45 -28.01 14.68
N LEU D 131 -19.84 -28.84 13.70
CA LEU D 131 -21.26 -29.08 13.41
C LEU D 131 -22.00 -29.57 14.65
N GLY D 132 -23.11 -28.89 14.95
CA GLY D 132 -23.97 -29.18 16.09
C GLY D 132 -23.45 -28.62 17.41
N ARG D 133 -22.21 -28.13 17.46
CA ARG D 133 -21.67 -27.56 18.71
C ARG D 133 -22.00 -26.07 18.75
N PRO D 134 -22.35 -25.52 19.92
CA PRO D 134 -22.74 -24.11 20.04
C PRO D 134 -21.60 -23.17 19.70
N GLY D 135 -21.86 -22.27 18.74
CA GLY D 135 -20.88 -21.30 18.30
C GLY D 135 -19.87 -21.91 17.34
N GLY D 136 -20.04 -23.19 16.99
CA GLY D 136 -19.04 -23.86 16.18
C GLY D 136 -18.92 -23.21 14.80
N LEU D 137 -20.09 -22.85 14.24
CA LEU D 137 -20.20 -22.13 12.99
C LEU D 137 -20.89 -20.81 13.23
N ALA D 138 -20.56 -19.84 12.37
CA ALA D 138 -21.14 -18.51 12.39
C ALA D 138 -21.34 -18.04 10.95
N VAL D 139 -22.56 -17.54 10.67
CA VAL D 139 -22.88 -17.03 9.34
C VAL D 139 -23.17 -15.53 9.46
N LEU D 140 -22.52 -14.73 8.58
CA LEU D 140 -22.85 -13.32 8.38
C LEU D 140 -23.83 -13.24 7.23
N ALA D 141 -24.98 -12.61 7.48
CA ALA D 141 -26.00 -12.51 6.46
C ALA D 141 -26.38 -11.05 6.19
N ALA D 142 -26.52 -10.71 4.91
CA ALA D 142 -26.98 -9.39 4.50
C ALA D 142 -28.06 -9.52 3.42
N PHE D 143 -29.14 -8.75 3.58
CA PHE D 143 -30.15 -8.63 2.53
C PHE D 143 -29.62 -7.85 1.34
N LEU D 144 -29.94 -8.35 0.13
CA LEU D 144 -29.69 -7.67 -1.13
C LEU D 144 -31.01 -7.11 -1.63
N GLU D 145 -31.04 -5.78 -1.88
CA GLU D 145 -32.19 -5.03 -2.40
C GLU D 145 -31.87 -4.33 -3.72
N GLU D 146 -32.93 -3.91 -4.42
CA GLU D 146 -32.79 -3.21 -5.68
C GLU D 146 -32.40 -1.75 -5.45
N GLY D 147 -31.31 -1.31 -6.09
CA GLY D 147 -30.96 0.09 -6.11
C GLY D 147 -30.79 0.61 -7.53
N PRO D 148 -30.64 1.95 -7.70
CA PRO D 148 -30.48 2.55 -9.02
C PRO D 148 -29.20 2.20 -9.76
N GLU D 149 -28.10 1.97 -9.02
CA GLU D 149 -26.80 1.78 -9.66
C GLU D 149 -26.38 0.31 -9.69
N GLU D 150 -25.52 -0.01 -10.65
CA GLU D 150 -24.82 -1.27 -10.69
C GLU D 150 -23.81 -1.36 -9.54
N ASN D 151 -23.81 -2.50 -8.83
CA ASN D 151 -22.90 -2.81 -7.75
C ASN D 151 -21.65 -3.46 -8.31
N SER D 152 -20.54 -2.76 -8.19
CA SER D 152 -19.33 -3.26 -8.82
C SER D 152 -18.79 -4.48 -8.06
N ALA D 153 -19.06 -4.60 -6.77
CA ALA D 153 -18.50 -5.75 -6.05
C ALA D 153 -19.20 -7.02 -6.52
N TYR D 154 -20.54 -6.96 -6.60
CA TYR D 154 -21.32 -8.10 -7.02
C TYR D 154 -21.04 -8.43 -8.48
N GLU D 155 -20.83 -7.39 -9.29
CA GLU D 155 -20.64 -7.56 -10.72
C GLU D 155 -19.51 -8.56 -11.00
N GLN D 156 -18.47 -8.58 -10.14
CA GLN D 156 -17.37 -9.53 -10.34
C GLN D 156 -17.86 -10.98 -10.24
N LEU D 157 -19.00 -11.22 -9.59
CA LEU D 157 -19.52 -12.56 -9.48
C LEU D 157 -20.60 -12.78 -10.54
N LEU D 158 -21.47 -11.81 -10.66
CA LEU D 158 -22.63 -11.92 -11.52
C LEU D 158 -22.21 -12.07 -12.98
N SER D 159 -21.11 -11.41 -13.35
CA SER D 159 -20.57 -11.46 -14.69
C SER D 159 -20.13 -12.89 -15.04
N ARG D 160 -20.00 -13.77 -14.05
CA ARG D 160 -19.35 -15.05 -14.30
C ARG D 160 -20.37 -16.18 -14.23
N LEU D 161 -21.63 -15.85 -14.00
CA LEU D 161 -22.65 -16.87 -13.75
C LEU D 161 -22.96 -17.63 -15.04
N GLU D 162 -22.82 -16.94 -16.19
CA GLU D 162 -23.16 -17.51 -17.47
C GLU D 162 -22.29 -18.74 -17.74
N GLU D 163 -21.01 -18.68 -17.37
CA GLU D 163 -20.05 -19.74 -17.66
C GLU D 163 -20.31 -21.00 -16.83
N ILE D 164 -21.17 -20.90 -15.81
CA ILE D 164 -21.41 -22.03 -14.92
C ILE D 164 -22.92 -22.26 -14.80
N ALA D 165 -23.68 -22.01 -15.89
CA ALA D 165 -25.14 -22.05 -15.82
C ALA D 165 -25.64 -23.47 -15.49
N GLU D 166 -24.88 -24.46 -15.96
CA GLU D 166 -25.25 -25.85 -15.82
C GLU D 166 -24.88 -26.33 -14.41
N GLU D 167 -25.80 -27.07 -13.79
CA GLU D 167 -25.56 -27.73 -12.52
C GLU D 167 -24.19 -28.40 -12.54
N GLY D 168 -23.41 -28.21 -11.46
CA GLY D 168 -22.17 -28.94 -11.24
C GLY D 168 -20.95 -28.32 -11.91
N SER D 169 -21.12 -27.28 -12.74
CA SER D 169 -19.98 -26.64 -13.36
C SER D 169 -19.43 -25.56 -12.43
N GLU D 170 -18.14 -25.29 -12.59
CA GLU D 170 -17.42 -24.31 -11.79
C GLU D 170 -16.46 -23.55 -12.71
N THR D 171 -16.01 -22.38 -12.25
CA THR D 171 -14.99 -21.61 -12.93
C THR D 171 -14.04 -20.98 -11.90
N GLN D 172 -12.86 -20.56 -12.37
CA GLN D 172 -11.94 -19.76 -11.59
C GLN D 172 -12.28 -18.28 -11.77
N VAL D 173 -12.15 -17.50 -10.68
CA VAL D 173 -12.40 -16.07 -10.70
C VAL D 173 -11.26 -15.39 -9.95
N PRO D 174 -10.93 -14.12 -10.26
CA PRO D 174 -9.86 -13.40 -9.57
C PRO D 174 -10.23 -13.10 -8.10
N GLY D 175 -9.22 -13.09 -7.22
CA GLY D 175 -9.41 -12.55 -5.90
C GLY D 175 -10.10 -11.19 -5.92
N LEU D 176 -11.02 -11.02 -4.97
CA LEU D 176 -11.76 -9.79 -4.80
C LEU D 176 -11.84 -9.52 -3.31
N ASP D 177 -12.30 -8.31 -3.00
CA ASP D 177 -12.49 -7.89 -1.62
C ASP D 177 -13.87 -8.37 -1.18
N ILE D 178 -13.86 -9.45 -0.42
CA ILE D 178 -15.10 -10.06 0.05
C ILE D 178 -15.85 -9.06 0.93
N SER D 179 -15.14 -8.25 1.74
CA SER D 179 -15.82 -7.31 2.63
C SER D 179 -16.62 -6.25 1.87
N ALA D 180 -16.28 -6.02 0.60
CA ALA D 180 -16.98 -5.03 -0.21
C ALA D 180 -18.38 -5.53 -0.62
N LEU D 181 -18.67 -6.81 -0.40
CA LEU D 181 -20.00 -7.36 -0.63
C LEU D 181 -20.94 -7.13 0.54
N LEU D 182 -20.44 -6.62 1.67
CA LEU D 182 -21.22 -6.51 2.90
C LEU D 182 -21.63 -5.07 3.15
N PRO D 183 -22.63 -4.79 4.02
CA PRO D 183 -23.08 -3.41 4.26
C PRO D 183 -22.04 -2.51 4.91
N SER D 184 -22.37 -1.21 4.98
CA SER D 184 -21.44 -0.19 5.43
C SER D 184 -21.18 -0.26 6.93
N ASP D 185 -22.22 -0.45 7.73
CA ASP D 185 -22.08 -0.32 9.18
C ASP D 185 -22.02 -1.70 9.86
N PHE D 186 -20.84 -2.05 10.39
CA PHE D 186 -20.58 -3.33 11.04
C PHE D 186 -20.95 -3.32 12.54
N SER D 187 -21.51 -2.21 13.03
CA SER D 187 -21.91 -2.11 14.44
C SER D 187 -23.41 -2.38 14.61
N ARG D 188 -24.13 -2.57 13.49
CA ARG D 188 -25.60 -2.65 13.55
C ARG D 188 -26.06 -3.98 12.95
N TYR D 189 -26.59 -4.87 13.82
CA TYR D 189 -26.95 -6.21 13.39
C TYR D 189 -27.90 -6.86 14.40
N PHE D 190 -28.66 -7.84 13.91
CA PHE D 190 -29.34 -8.80 14.76
C PHE D 190 -28.52 -10.09 14.87
N GLN D 191 -28.69 -10.79 15.99
CA GLN D 191 -28.00 -12.05 16.22
C GLN D 191 -28.86 -12.99 17.05
N TYR D 192 -28.87 -14.28 16.67
CA TYR D 192 -29.54 -15.35 17.39
C TYR D 192 -28.82 -16.68 17.07
N GLU D 193 -29.19 -17.76 17.77
CA GLU D 193 -28.59 -19.06 17.53
C GLU D 193 -29.63 -19.93 16.84
N GLY D 194 -29.21 -20.56 15.73
CA GLY D 194 -30.10 -21.33 14.87
C GLY D 194 -29.36 -22.48 14.21
N SER D 195 -29.62 -22.68 12.91
CA SER D 195 -29.22 -23.87 12.19
C SER D 195 -28.70 -23.53 10.81
N LEU D 196 -28.06 -24.48 10.16
CA LEU D 196 -27.96 -24.44 8.70
C LEU D 196 -29.38 -24.49 8.12
N THR D 197 -29.56 -23.95 6.90
CA THR D 197 -30.86 -23.81 6.27
C THR D 197 -30.97 -24.83 5.15
N THR D 198 -29.96 -25.71 5.05
CA THR D 198 -29.92 -26.80 4.09
C THR D 198 -29.46 -28.05 4.87
N PRO D 199 -29.75 -29.28 4.43
CA PRO D 199 -29.21 -30.45 5.13
C PRO D 199 -27.68 -30.36 5.26
N PRO D 200 -27.09 -30.73 6.42
CA PRO D 200 -27.78 -31.46 7.49
C PRO D 200 -28.58 -30.70 8.55
N CYS D 201 -28.86 -29.42 8.33
CA CYS D 201 -29.64 -28.62 9.28
C CYS D 201 -29.03 -28.60 10.68
N ALA D 202 -27.70 -28.69 10.81
CA ALA D 202 -27.08 -28.73 12.13
C ALA D 202 -27.44 -27.47 12.91
N GLN D 203 -27.68 -27.61 14.22
CA GLN D 203 -27.88 -26.48 15.12
C GLN D 203 -26.54 -26.02 15.69
N GLY D 204 -26.59 -24.99 16.53
CA GLY D 204 -25.40 -24.35 17.10
C GLY D 204 -24.85 -23.18 16.24
N VAL D 205 -25.56 -22.79 15.17
CA VAL D 205 -25.06 -21.81 14.23
C VAL D 205 -25.42 -20.41 14.75
N ILE D 206 -24.40 -19.58 15.01
CA ILE D 206 -24.66 -18.17 15.31
C ILE D 206 -24.86 -17.41 14.01
N TRP D 207 -26.09 -16.92 13.82
CA TRP D 207 -26.49 -16.07 12.72
C TRP D 207 -26.39 -14.59 13.10
N THR D 208 -25.64 -13.83 12.31
CA THR D 208 -25.59 -12.37 12.45
C THR D 208 -26.17 -11.77 11.18
N VAL D 209 -27.32 -11.08 11.31
CA VAL D 209 -28.00 -10.45 10.18
C VAL D 209 -27.83 -8.92 10.27
N PHE D 210 -27.10 -8.37 9.31
CA PHE D 210 -26.91 -6.92 9.27
C PHE D 210 -28.26 -6.19 9.20
N GLN D 211 -28.36 -5.08 9.93
CA GLN D 211 -29.51 -4.20 9.83
C GLN D 211 -29.56 -3.54 8.44
N GLN D 212 -28.43 -3.04 7.94
CA GLN D 212 -28.44 -2.38 6.64
C GLN D 212 -28.35 -3.40 5.51
N THR D 213 -28.85 -2.99 4.34
CA THR D 213 -28.92 -3.82 3.14
C THR D 213 -27.82 -3.41 2.16
N VAL D 214 -27.63 -4.23 1.14
CA VAL D 214 -26.78 -3.88 0.02
C VAL D 214 -27.69 -3.75 -1.20
N MET D 215 -27.30 -2.88 -2.13
CA MET D 215 -28.08 -2.52 -3.31
C MET D 215 -27.45 -3.09 -4.57
N LEU D 216 -28.30 -3.74 -5.38
CA LEU D 216 -27.93 -4.23 -6.72
C LEU D 216 -28.92 -3.64 -7.73
N SER D 217 -28.50 -3.54 -8.99
CA SER D 217 -29.36 -3.03 -10.05
C SER D 217 -30.41 -4.09 -10.34
N ALA D 218 -31.55 -3.65 -10.90
CA ALA D 218 -32.57 -4.58 -11.34
C ALA D 218 -31.98 -5.58 -12.33
N LYS D 219 -31.07 -5.11 -13.20
CA LYS D 219 -30.45 -5.99 -14.17
C LYS D 219 -29.66 -7.09 -13.44
N GLN D 220 -28.94 -6.72 -12.38
CA GLN D 220 -28.06 -7.65 -11.67
C GLN D 220 -28.85 -8.74 -10.94
N LEU D 221 -29.92 -8.33 -10.26
CA LEU D 221 -30.83 -9.26 -9.63
C LEU D 221 -31.42 -10.23 -10.66
N HIS D 222 -31.71 -9.73 -11.87
CA HIS D 222 -32.22 -10.56 -12.96
C HIS D 222 -31.17 -11.61 -13.30
N THR D 223 -29.92 -11.17 -13.53
CA THR D 223 -28.85 -12.10 -13.86
C THR D 223 -28.73 -13.19 -12.79
N LEU D 224 -28.85 -12.81 -11.50
CA LEU D 224 -28.73 -13.74 -10.37
C LEU D 224 -29.85 -14.77 -10.42
N SER D 225 -31.09 -14.31 -10.68
CA SER D 225 -32.26 -15.17 -10.61
C SER D 225 -32.45 -15.98 -11.90
N ASP D 226 -31.83 -15.59 -13.02
CA ASP D 226 -32.28 -16.07 -14.31
C ASP D 226 -31.14 -16.78 -15.07
N THR D 227 -29.94 -16.87 -14.49
CA THR D 227 -28.80 -17.41 -15.24
C THR D 227 -28.58 -18.91 -14.93
N LEU D 228 -28.81 -19.35 -13.68
CA LEU D 228 -28.34 -20.67 -13.30
C LEU D 228 -29.45 -21.72 -13.50
N TRP D 229 -29.06 -22.93 -13.91
CA TRP D 229 -29.98 -24.06 -14.00
C TRP D 229 -29.71 -25.05 -12.86
N GLY D 230 -30.80 -25.54 -12.24
CA GLY D 230 -30.73 -26.37 -11.05
C GLY D 230 -30.76 -27.86 -11.40
N PRO D 231 -31.26 -28.73 -10.48
CA PRO D 231 -31.24 -30.16 -10.70
C PRO D 231 -32.21 -30.55 -11.83
N GLY D 232 -31.70 -31.32 -12.81
CA GLY D 232 -32.51 -31.84 -13.90
C GLY D 232 -32.82 -30.77 -14.95
N ASP D 233 -34.10 -30.71 -15.36
CA ASP D 233 -34.56 -29.75 -16.36
C ASP D 233 -34.64 -28.35 -15.74
N SER D 234 -34.96 -28.28 -14.44
CA SER D 234 -35.37 -27.03 -13.77
C SER D 234 -34.27 -25.98 -13.79
N ARG D 235 -34.68 -24.72 -13.62
CA ARG D 235 -33.73 -23.64 -13.42
C ARG D 235 -33.61 -23.36 -11.92
N LEU D 236 -32.51 -22.70 -11.52
CA LEU D 236 -32.20 -22.55 -10.11
C LEU D 236 -32.76 -21.22 -9.61
N GLN D 237 -33.87 -21.32 -8.84
CA GLN D 237 -34.61 -20.15 -8.40
C GLN D 237 -35.32 -20.45 -7.09
N LEU D 238 -35.71 -19.39 -6.39
CA LEU D 238 -36.45 -19.51 -5.13
C LEU D 238 -35.76 -20.53 -4.22
N ASN D 239 -34.40 -20.48 -4.14
CA ASN D 239 -33.60 -21.42 -3.36
C ASN D 239 -33.52 -20.98 -1.90
N PHE D 240 -34.66 -20.65 -1.30
CA PHE D 240 -34.68 -20.27 0.11
C PHE D 240 -35.57 -21.22 0.91
N ARG D 241 -35.28 -21.30 2.21
CA ARG D 241 -36.04 -22.12 3.12
C ARG D 241 -37.07 -21.24 3.79
N ALA D 242 -38.26 -21.79 4.09
CA ALA D 242 -39.30 -21.08 4.83
C ALA D 242 -38.79 -20.68 6.21
N THR D 243 -39.33 -19.60 6.78
CA THR D 243 -38.94 -19.20 8.12
C THR D 243 -39.50 -20.21 9.12
N GLN D 244 -38.87 -20.24 10.30
CA GLN D 244 -39.05 -21.29 11.27
C GLN D 244 -39.39 -20.63 12.61
N PRO D 245 -40.12 -21.31 13.51
CA PRO D 245 -40.47 -20.71 14.79
C PRO D 245 -39.26 -20.56 15.71
N LEU D 246 -39.29 -19.47 16.49
CA LEU D 246 -38.25 -19.11 17.43
C LEU D 246 -38.22 -20.07 18.61
N ASN D 247 -39.41 -20.57 18.99
CA ASN D 247 -39.58 -21.52 20.08
C ASN D 247 -38.90 -21.02 21.34
N GLY D 248 -39.13 -19.72 21.65
CA GLY D 248 -38.64 -19.12 22.89
C GLY D 248 -37.36 -18.31 22.69
N ARG D 249 -36.61 -18.57 21.61
CA ARG D 249 -35.43 -17.80 21.29
C ARG D 249 -35.82 -16.32 21.17
N VAL D 250 -35.05 -15.45 21.85
CA VAL D 250 -35.14 -14.00 21.68
C VAL D 250 -34.03 -13.51 20.74
N ILE D 251 -34.39 -12.87 19.63
CA ILE D 251 -33.43 -12.25 18.74
C ILE D 251 -32.84 -11.02 19.42
N GLU D 252 -31.49 -10.91 19.42
CA GLU D 252 -30.81 -9.79 20.04
C GLU D 252 -30.44 -8.76 18.95
N ALA D 253 -30.26 -7.50 19.37
CA ALA D 253 -29.90 -6.44 18.43
C ALA D 253 -28.79 -5.60 19.03
N SER D 254 -27.82 -5.19 18.21
CA SER D 254 -26.64 -4.44 18.64
C SER D 254 -26.94 -2.94 18.83
N PHE D 255 -28.18 -2.51 18.56
CA PHE D 255 -28.53 -1.10 18.55
C PHE D 255 -29.91 -0.97 19.17
N PRO D 256 -30.20 0.17 19.87
CA PRO D 256 -31.51 0.39 20.48
C PRO D 256 -32.61 0.76 19.47
ZN ZN E . 11.84 -2.21 20.37
O28 A1IDV F . 16.52 -6.78 19.16
S26 A1IDV F . 16.07 -6.71 17.80
O27 A1IDV F . 15.17 -7.87 17.81
C29 A1IDV F . 17.40 -6.77 16.75
C30 A1IDV F . 18.54 -5.85 17.18
C10 A1IDV F . 15.17 -5.36 17.62
C11 A1IDV F . 15.32 -4.21 18.56
F15 A1IDV F . 16.28 -4.21 19.52
C12 A1IDV F . 14.47 -3.02 18.48
F13 A1IDV F . 14.70 -2.03 19.36
C7 A1IDV F . 13.41 -2.85 17.44
S1 A1IDV F . 12.39 -1.61 17.42
O3 A1IDV F . 11.10 -2.14 17.25
N4 A1IDV F . 12.35 -1.00 18.96
O2 A1IDV F . 12.71 -0.57 16.48
C9 A1IDV F . 14.05 -5.22 16.63
C8 A1IDV F . 13.23 -3.99 16.53
F14 A1IDV F . 12.29 -3.94 15.56
N16 A1IDV F . 13.69 -6.02 15.61
C18 A1IDV F . 14.47 -6.84 14.72
C25 A1IDV F . 13.52 -7.64 13.81
C24 A1IDV F . 12.19 -6.94 13.54
C23 A1IDV F . 11.44 -7.45 12.31
C22 A1IDV F . 11.36 -6.49 11.13
C21 A1IDV F . 12.05 -5.13 11.20
C20 A1IDV F . 13.31 -5.25 10.37
C36 A1IDV F . 14.24 -4.14 10.71
C33 A1IDV F . 15.69 -4.59 10.70
C37 A1IDV F . 16.25 -4.62 12.12
C35 A1IDV F . 15.97 -5.96 12.78
C19 A1IDV F . 15.21 -5.69 14.03
ZN ZN G . -9.57 13.03 -10.61
O28 A1IDV H . -7.37 11.68 -16.36
S26 A1IDV H . -6.40 10.74 -15.89
O27 A1IDV H . -5.24 11.58 -15.86
C29 A1IDV H . -6.10 9.34 -16.78
C30 A1IDV H . -7.34 8.50 -17.03
C10 A1IDV H . -6.74 10.54 -14.33
C11 A1IDV H . -8.16 10.64 -13.97
F15 A1IDV H . -9.20 10.80 -14.86
C12 A1IDV H . -8.50 10.56 -12.57
F13 A1IDV H . -9.77 10.64 -12.29
C7 A1IDV H . -7.52 10.39 -11.50
S1 A1IDV H . -7.96 10.45 -9.93
O3 A1IDV H . -7.13 11.46 -9.34
N4 A1IDV H . -9.39 11.26 -9.89
O2 A1IDV H . -8.03 9.18 -9.20
C9 A1IDV H . -5.69 10.41 -13.30
C8 A1IDV H . -6.12 10.31 -11.87
F14 A1IDV H . -5.29 10.10 -10.83
N16 A1IDV H . -4.39 10.22 -13.70
C18 A1IDV H . -3.40 9.39 -12.96
C25 A1IDV H . -3.18 8.14 -13.84
C24 A1IDV H . -3.94 6.88 -13.40
C23 A1IDV H . -3.11 5.95 -12.49
C22 A1IDV H . -2.10 5.11 -13.29
C21 A1IDV H . -0.66 5.59 -13.09
C20 A1IDV H . 0.18 5.88 -14.37
C36 A1IDV H . 0.39 7.36 -14.78
C33 A1IDV H . 1.07 8.32 -13.76
C37 A1IDV H . 0.22 9.57 -13.40
C35 A1IDV H . -0.85 9.42 -12.28
C19 A1IDV H . -2.13 10.19 -12.61
ZN ZN I . 23.11 -1.83 -18.28
O28 A1IDV J . 18.65 -4.03 -14.02
S26 A1IDV J . 17.59 -3.32 -14.70
O27 A1IDV J . 17.35 -2.18 -13.87
C29 A1IDV J . 16.18 -4.18 -14.97
C30 A1IDV J . 16.49 -5.65 -14.93
C10 A1IDV J . 18.29 -2.74 -16.04
C11 A1IDV J . 19.37 -3.53 -16.74
F15 A1IDV J . 19.75 -4.77 -16.35
C12 A1IDV J . 20.03 -3.00 -17.94
F13 A1IDV J . 21.00 -3.71 -18.53
C7 A1IDV J . 19.66 -1.66 -18.46
S1 A1IDV J . 20.48 -1.03 -19.68
O3 A1IDV J . 19.71 -1.03 -20.91
N4 A1IDV J . 21.93 -1.65 -19.63
O2 A1IDV J . 20.94 0.33 -19.45
C9 A1IDV J . 17.94 -1.36 -16.53
C8 A1IDV J . 18.60 -0.86 -17.77
F14 A1IDV J . 18.28 0.35 -18.30
N16 A1IDV J . 16.88 -0.71 -15.97
C18 A1IDV J . 15.92 0.15 -16.72
C25 A1IDV J . 15.89 1.59 -16.15
C24 A1IDV J . 14.57 2.37 -16.26
C23 A1IDV J . 13.81 2.27 -14.92
C22 A1IDV J . 12.36 2.80 -14.93
C21 A1IDV J . 11.23 1.76 -14.81
C20 A1IDV J . 11.17 0.58 -15.79
C36 A1IDV J . 11.17 0.92 -17.29
C33 A1IDV J . 11.61 -0.24 -18.21
C37 A1IDV J . 13.04 -0.10 -18.75
C35 A1IDV J . 14.03 -1.07 -18.09
C19 A1IDV J . 14.57 -0.62 -16.73
ZN ZN K . -27.23 -19.82 3.04
O28 A1IDV L . -25.20 -24.16 -1.27
S26 A1IDV L . -24.48 -24.85 -0.22
O27 A1IDV L . -23.16 -24.35 -0.52
C29 A1IDV L . -24.53 -26.54 -0.20
C30 A1IDV L . -25.89 -27.12 -0.61
C10 A1IDV L . -24.94 -24.22 1.18
C11 A1IDV L . -26.31 -23.68 1.17
F15 A1IDV L . -27.10 -23.74 0.08
C12 A1IDV L . -26.86 -23.03 2.35
F13 A1IDV L . -28.12 -22.58 2.33
C7 A1IDV L . -26.10 -22.92 3.60
S1 A1IDV L . -26.57 -22.14 4.91
O3 A1IDV L . -25.54 -21.20 5.31
N4 A1IDV L . -27.79 -21.12 4.56
O2 A1IDV L . -26.85 -22.94 6.05
C9 A1IDV L . -24.13 -24.09 2.45
C8 A1IDV L . -24.78 -23.45 3.61
F14 A1IDV L . -24.18 -23.27 4.78
N16 A1IDV L . -22.88 -24.52 2.82
C18 A1IDV L . -21.94 -25.47 2.22
C25 A1IDV L . -20.43 -25.21 2.56
C24 A1IDV L . -20.05 -24.35 3.80
C23 A1IDV L . -19.70 -25.14 5.07
C22 A1IDV L . -20.98 -25.57 5.76
C21 A1IDV L . -20.75 -26.60 6.85
C20 A1IDV L . -20.65 -28.01 6.27
C36 A1IDV L . -21.97 -28.77 6.30
C33 A1IDV L . -22.60 -28.91 4.91
C37 A1IDV L . -23.52 -27.71 4.64
C35 A1IDV L . -23.58 -27.29 3.17
C19 A1IDV L . -22.21 -26.94 2.62
#